data_3DOG
#
_entry.id   3DOG
#
_cell.length_a   74.420
_cell.length_b   133.489
_cell.length_c   147.996
_cell.angle_alpha   90.00
_cell.angle_beta   90.00
_cell.angle_gamma   90.00
#
_symmetry.space_group_name_H-M   'P 21 21 21'
#
loop_
_entity.id
_entity.type
_entity.pdbx_description
1 polymer 'Cell division protein kinase 2'
2 polymer Cyclin-A2
3 non-polymer (2R)-2-{[4-(benzylamino)-8-(1-methylethyl)pyrazolo[1,5-a][1,3,5]triazin-2-yl]amino}butan-1-ol
4 non-polymer MONOTHIOGLYCEROL
5 water water
#
loop_
_entity_poly.entity_id
_entity_poly.type
_entity_poly.pdbx_seq_one_letter_code
_entity_poly.pdbx_strand_id
1 'polypeptide(L)'
;SMENFQKVEKIGEGTYGVVYKARNKLTGEVVALKKIRLDTETEGVPSTAIREISLLKELNHPNIVKLLDVIHTENKLYLV
FEFLHQDLKKFMDASALTGIPLPLIKSYLFQLLQGLAFCHSHRVLHRDLKPQNLLINTEGAIKLADFGLARAFGVPVRTY
(TPO)HEVVTLWYRAPEILLGCKYYSTAVDIWSLGCIFAEMVTRRALFPGDSEIDQLFRIFRTLGTPDEVVWPGVTSMPD
YKPSFPKWARQDFSKVVPPLDEDGRSLLSQMLHYDPNKRISAKAALAHPFFQDVTKPVPHLRL
;
A,C
2 'polypeptide(L)'
;SVNEVPDYHEDIHTYLREMEVKCKPKVGYMKKQPDITNSMRAILVDWLVEVGEEYKLQNETLHLAVNYIDRFLSSMSVLR
GKLQLVGTAAMLLASKFEEIYPPEVAEFVYITDDTYTKKQVLRMEHLVLKVLAFDLAAPTINQFLTQYFLHQQPANCKVE
SLAMFLGELSLIDADPYLKYLPSVIAAAAFHLALYTVTGQSWPESLVQKTGYTLETLKPCLLDLHQTYLRAPQHAQQSIR
EKYKNSKYHGVSLLNPPETLNVEH
;
B,D
#
loop_
_chem_comp.id
_chem_comp.type
_chem_comp.name
_chem_comp.formula
NNN non-polymer (2R)-2-{[4-(benzylamino)-8-(1-methylethyl)pyrazolo[1,5-a][1,3,5]triazin-2-yl]amino}butan-1-ol 'C19 H26 N6 O'
SGM non-polymer MONOTHIOGLYCEROL 'C3 H8 O2 S'
#
# COMPACT_ATOMS: atom_id res chain seq x y z
N SER A 1 -7.75 0.69 18.54
CA SER A 1 -8.98 1.19 17.86
C SER A 1 -9.21 2.69 18.06
N MET A 2 -10.03 3.02 19.05
CA MET A 2 -10.56 4.36 19.22
C MET A 2 -10.02 5.08 20.43
N GLU A 3 -8.91 4.58 20.94
CA GLU A 3 -8.35 5.07 22.18
C GLU A 3 -7.72 6.44 22.08
N ASN A 4 -7.23 6.80 20.90
CA ASN A 4 -6.57 8.08 20.69
C ASN A 4 -7.49 9.22 20.28
N PHE A 5 -8.75 8.88 19.99
CA PHE A 5 -9.74 9.88 19.65
C PHE A 5 -10.63 10.20 20.85
N GLN A 6 -10.96 11.49 20.99
CA GLN A 6 -11.84 11.97 22.05
C GLN A 6 -13.03 12.64 21.39
N LYS A 7 -14.22 12.06 21.56
CA LYS A 7 -15.45 12.64 20.99
C LYS A 7 -15.71 14.03 21.55
N VAL A 8 -16.23 14.91 20.71
CA VAL A 8 -16.49 16.29 21.09
C VAL A 8 -17.99 16.60 21.07
N GLU A 9 -18.65 16.21 19.98
CA GLU A 9 -20.09 16.43 19.81
C GLU A 9 -20.59 15.73 18.55
N LYS A 10 -21.87 15.35 18.57
CA LYS A 10 -22.52 14.81 17.38
C LYS A 10 -22.57 15.88 16.30
N ILE A 11 -22.20 15.49 15.09
CA ILE A 11 -22.30 16.36 13.93
C ILE A 11 -23.66 16.18 13.24
N GLY A 12 -24.04 14.93 12.98
CA GLY A 12 -25.30 14.62 12.33
C GLY A 12 -25.43 13.18 11.84
N GLU A 13 -26.35 12.94 10.92
CA GLU A 13 -26.60 11.60 10.39
C GLU A 13 -26.64 11.65 8.86
N GLY A 14 -25.72 10.94 8.23
CA GLY A 14 -25.62 10.95 6.77
C GLY A 14 -26.51 9.92 6.10
N THR A 15 -25.99 9.34 5.02
CA THR A 15 -26.72 8.31 4.27
C THR A 15 -26.83 7.03 5.09
N TYR A 16 -25.77 6.74 5.84
CA TYR A 16 -25.74 5.60 6.76
C TYR A 16 -24.82 5.95 7.93
N GLY A 17 -25.09 5.38 9.09
CA GLY A 17 -24.27 5.62 10.27
C GLY A 17 -24.43 7.00 10.89
N VAL A 18 -23.60 7.29 11.90
CA VAL A 18 -23.68 8.54 12.66
C VAL A 18 -22.33 9.25 12.68
N VAL A 19 -22.34 10.57 12.47
CA VAL A 19 -21.10 11.34 12.42
C VAL A 19 -20.84 12.12 13.71
N TYR A 20 -19.63 11.95 14.25
CA TYR A 20 -19.18 12.67 15.43
C TYR A 20 -17.92 13.48 15.15
N LYS A 21 -17.84 14.67 15.76
CA LYS A 21 -16.60 15.44 15.79
C LYS A 21 -15.72 14.91 16.91
N ALA A 22 -14.44 14.71 16.59
CA ALA A 22 -13.50 14.21 17.57
C ALA A 22 -12.12 14.81 17.35
N ARG A 23 -11.24 14.57 18.31
CA ARG A 23 -9.92 15.12 18.32
C ARG A 23 -8.93 13.99 18.60
N ASN A 24 -7.92 13.90 17.75
CA ASN A 24 -6.77 13.04 17.98
C ASN A 24 -5.99 13.58 19.16
N LYS A 25 -5.83 12.77 20.20
CA LYS A 25 -5.19 13.24 21.43
C LYS A 25 -3.68 13.37 21.30
N LEU A 26 -3.12 12.70 20.31
CA LEU A 26 -1.68 12.67 20.13
C LEU A 26 -1.18 13.65 19.06
N THR A 27 -1.92 13.75 17.97
CA THR A 27 -1.52 14.63 16.88
C THR A 27 -2.23 15.97 16.93
N GLY A 28 -3.30 16.05 17.72
CA GLY A 28 -4.10 17.26 17.87
C GLY A 28 -5.14 17.41 16.76
N GLU A 29 -5.07 16.54 15.76
CA GLU A 29 -5.92 16.67 14.60
C GLU A 29 -7.40 16.56 14.93
N VAL A 30 -8.18 17.50 14.41
CA VAL A 30 -9.62 17.46 14.55
C VAL A 30 -10.18 16.64 13.39
N VAL A 31 -11.02 15.66 13.71
CA VAL A 31 -11.54 14.72 12.71
C VAL A 31 -13.04 14.52 12.83
N ALA A 32 -13.62 13.85 11.85
CA ALA A 32 -15.01 13.43 11.95
C ALA A 32 -15.07 11.91 11.86
N LEU A 33 -15.74 11.29 12.80
CA LEU A 33 -15.85 9.83 12.83
C LEU A 33 -17.22 9.42 12.33
N LYS A 34 -17.25 8.64 11.26
CA LYS A 34 -18.50 8.06 10.78
C LYS A 34 -18.62 6.66 11.38
N LYS A 35 -19.53 6.51 12.33
CA LYS A 35 -19.77 5.24 13.03
C LYS A 35 -20.87 4.42 12.34
N ILE A 36 -20.59 3.13 12.11
CA ILE A 36 -21.56 2.19 11.56
C ILE A 36 -21.72 1.04 12.55
N ARG A 37 -22.96 0.81 12.97
CA ARG A 37 -23.28 -0.34 13.81
C ARG A 37 -23.47 -1.57 12.94
N LEU A 38 -22.98 -2.71 13.42
CA LEU A 38 -23.04 -3.95 12.65
C LEU A 38 -23.89 -5.03 13.34
N THR A 40 -23.71 -9.62 14.62
CA THR A 40 -23.82 -9.33 13.17
C THR A 40 -25.30 -9.30 12.72
N GLU A 41 -25.99 -10.43 12.92
CA GLU A 41 -27.44 -10.61 12.70
C GLU A 41 -28.03 -10.11 11.37
N THR A 42 -27.81 -8.82 11.07
CA THR A 42 -28.34 -8.16 9.87
C THR A 42 -27.84 -8.78 8.55
N GLU A 43 -27.28 -7.93 7.69
CA GLU A 43 -26.80 -8.37 6.38
C GLU A 43 -25.31 -8.14 6.25
N GLY A 44 -24.61 -8.06 7.39
CA GLY A 44 -23.18 -7.76 7.40
C GLY A 44 -22.88 -6.32 7.06
N VAL A 45 -21.75 -6.07 6.40
CA VAL A 45 -21.33 -4.71 6.08
C VAL A 45 -22.17 -4.13 4.94
N PRO A 46 -22.78 -2.95 5.18
CA PRO A 46 -23.74 -2.42 4.22
C PRO A 46 -23.06 -2.05 2.93
N SER A 47 -23.73 -2.28 1.80
CA SER A 47 -23.17 -1.94 0.50
C SER A 47 -22.75 -0.48 0.44
N THR A 48 -23.49 0.40 1.12
CA THR A 48 -23.17 1.83 1.14
C THR A 48 -21.79 2.09 1.76
N ALA A 49 -21.49 1.39 2.84
CA ALA A 49 -20.19 1.51 3.49
C ALA A 49 -19.10 0.98 2.57
N ILE A 50 -19.34 -0.22 2.03
CA ILE A 50 -18.41 -0.86 1.11
C ILE A 50 -18.11 0.05 -0.09
N ARG A 51 -19.15 0.63 -0.68
CA ARG A 51 -18.96 1.57 -1.79
C ARG A 51 -18.21 2.81 -1.35
N GLU A 52 -18.61 3.41 -0.22
CA GLU A 52 -17.95 4.63 0.20
C GLU A 52 -16.46 4.43 0.53
N ILE A 53 -16.14 3.45 1.36
CA ILE A 53 -14.77 3.19 1.75
C ILE A 53 -13.87 2.87 0.55
N SER A 54 -14.30 1.94 -0.30
CA SER A 54 -13.52 1.55 -1.47
C SER A 54 -13.24 2.71 -2.43
N LEU A 55 -14.29 3.46 -2.79
CA LEU A 55 -14.13 4.57 -3.71
C LEU A 55 -13.34 5.75 -3.11
N LEU A 56 -13.63 6.09 -1.85
CA LEU A 56 -12.92 7.20 -1.18
C LEU A 56 -11.43 6.95 -0.93
N LYS A 57 -11.03 5.69 -0.82
CA LYS A 57 -9.61 5.32 -0.71
C LYS A 57 -8.84 5.60 -1.99
N GLU A 58 -9.55 5.73 -3.11
CA GLU A 58 -8.94 5.96 -4.40
C GLU A 58 -8.87 7.45 -4.74
N LEU A 59 -9.86 8.19 -4.28
CA LEU A 59 -10.01 9.58 -4.65
C LEU A 59 -9.33 10.52 -3.67
N ASN A 60 -8.04 10.71 -3.84
CA ASN A 60 -7.33 11.73 -3.07
C ASN A 60 -7.27 13.03 -3.90
N HIS A 61 -8.07 14.00 -3.50
CA HIS A 61 -8.23 15.28 -4.19
C HIS A 61 -8.53 16.33 -3.13
N PRO A 62 -8.04 17.57 -3.31
CA PRO A 62 -8.33 18.65 -2.35
C PRO A 62 -9.81 19.07 -2.25
N ASN A 63 -10.61 18.69 -3.23
CA ASN A 63 -12.02 19.05 -3.23
C ASN A 63 -12.90 17.82 -3.06
N ILE A 64 -12.28 16.72 -2.62
CA ILE A 64 -13.02 15.58 -2.14
C ILE A 64 -12.58 15.33 -0.70
N VAL A 65 -13.56 15.25 0.19
CA VAL A 65 -13.31 15.00 1.61
C VAL A 65 -12.39 13.79 1.78
N LYS A 66 -11.42 13.90 2.68
CA LYS A 66 -10.42 12.85 2.82
C LYS A 66 -10.79 11.78 3.86
N LEU A 67 -10.69 10.52 3.46
CA LEU A 67 -10.75 9.37 4.35
C LEU A 67 -9.36 9.09 4.88
N LEU A 68 -9.18 9.25 6.18
CA LEU A 68 -7.87 9.17 6.80
C LEU A 68 -7.56 7.78 7.29
N ASP A 69 -8.56 7.10 7.83
CA ASP A 69 -8.41 5.75 8.37
C ASP A 69 -9.76 5.03 8.45
N VAL A 70 -9.70 3.70 8.53
CA VAL A 70 -10.88 2.86 8.71
C VAL A 70 -10.59 1.93 9.88
N ILE A 71 -11.40 1.99 10.92
CA ILE A 71 -11.19 1.14 12.09
C ILE A 71 -12.33 0.15 12.23
N HIS A 72 -11.98 -1.13 12.37
CA HIS A 72 -12.90 -2.24 12.07
C HIS A 72 -12.84 -3.40 13.07
N THR A 73 -13.69 -3.34 14.10
CA THR A 73 -13.87 -4.48 15.02
C THR A 73 -14.98 -5.40 14.49
N GLU A 74 -15.34 -6.41 15.28
CA GLU A 74 -16.54 -7.21 15.02
C GLU A 74 -17.79 -6.36 15.29
N ASN A 75 -17.77 -5.70 16.46
CA ASN A 75 -18.83 -4.81 16.92
C ASN A 75 -19.14 -3.61 15.98
N LYS A 76 -18.21 -2.66 15.88
CA LYS A 76 -18.43 -1.41 15.13
C LYS A 76 -17.43 -1.20 13.97
N LEU A 77 -17.79 -0.29 13.07
CA LEU A 77 -16.88 0.12 12.01
C LEU A 77 -16.78 1.66 11.98
N TYR A 78 -15.56 2.18 12.09
CA TYR A 78 -15.34 3.63 12.15
C TYR A 78 -14.63 4.17 10.90
N LEU A 79 -15.15 5.28 10.38
CA LEU A 79 -14.49 5.94 9.29
C LEU A 79 -13.94 7.27 9.78
N VAL A 80 -12.61 7.34 9.88
CA VAL A 80 -11.95 8.57 10.28
C VAL A 80 -11.82 9.47 9.05
N PHE A 81 -12.48 10.63 9.11
CA PHE A 81 -12.46 11.64 8.04
C PHE A 81 -11.74 12.92 8.49
N GLU A 82 -11.31 13.74 7.53
CA GLU A 82 -10.88 15.10 7.88
C GLU A 82 -12.12 15.86 8.31
N PHE A 83 -11.99 16.69 9.34
CA PHE A 83 -13.09 17.52 9.79
C PHE A 83 -13.21 18.80 8.98
N LEU A 84 -14.44 19.16 8.64
CA LEU A 84 -14.75 20.45 8.03
C LEU A 84 -15.82 21.17 8.84
N HIS A 85 -15.77 22.50 8.82
CA HIS A 85 -16.45 23.35 9.78
C HIS A 85 -17.97 23.46 9.61
N GLN A 86 -18.44 23.58 8.37
CA GLN A 86 -19.86 23.41 8.10
C GLN A 86 -20.23 22.98 6.69
N ASP A 87 -21.50 22.67 6.49
CA ASP A 87 -22.02 22.33 5.17
C ASP A 87 -22.55 23.55 4.46
N LEU A 88 -22.65 23.45 3.14
CA LEU A 88 -23.08 24.56 2.29
C LEU A 88 -24.48 25.10 2.63
N LYS A 89 -25.41 24.19 2.94
CA LYS A 89 -26.79 24.57 3.29
C LYS A 89 -26.83 25.50 4.49
N LYS A 90 -26.15 25.10 5.57
CA LYS A 90 -26.05 25.89 6.78
C LYS A 90 -25.34 27.23 6.57
N PHE A 91 -24.45 27.28 5.59
CA PHE A 91 -23.73 28.50 5.24
C PHE A 91 -24.65 29.48 4.51
N MET A 92 -25.47 28.94 3.61
CA MET A 92 -26.43 29.74 2.86
C MET A 92 -27.45 30.43 3.76
N ASP A 93 -27.88 29.74 4.82
CA ASP A 93 -28.78 30.29 5.82
C ASP A 93 -28.12 31.39 6.63
N ALA A 94 -26.85 31.20 6.98
CA ALA A 94 -26.11 32.19 7.76
C ALA A 94 -25.82 33.44 6.92
N SER A 95 -25.91 33.28 5.60
CA SER A 95 -25.74 34.38 4.65
C SER A 95 -27.08 34.98 4.20
N ALA A 96 -28.16 34.62 4.89
CA ALA A 96 -29.51 35.08 4.52
C ALA A 96 -29.60 36.60 4.33
N LEU A 97 -29.05 37.35 5.27
CA LEU A 97 -29.18 38.81 5.26
C LEU A 97 -28.29 39.42 4.17
N THR A 98 -27.04 38.99 4.14
CA THR A 98 -26.03 39.57 3.27
C THR A 98 -26.06 39.02 1.84
N GLY A 99 -26.30 37.72 1.71
CA GLY A 99 -26.09 37.01 0.46
C GLY A 99 -24.63 36.61 0.38
N ILE A 100 -24.35 35.53 -0.36
CA ILE A 100 -22.97 35.10 -0.57
C ILE A 100 -22.33 36.00 -1.62
N PRO A 101 -21.14 36.57 -1.32
CA PRO A 101 -20.48 37.41 -2.31
C PRO A 101 -20.05 36.59 -3.53
N LEU A 102 -20.14 37.20 -4.70
CA LEU A 102 -19.90 36.52 -5.98
C LEU A 102 -18.55 35.78 -6.06
N PRO A 103 -17.45 36.43 -5.60
CA PRO A 103 -16.17 35.72 -5.61
C PRO A 103 -16.23 34.39 -4.89
N LEU A 104 -17.03 34.32 -3.82
CA LEU A 104 -17.15 33.09 -3.03
C LEU A 104 -17.92 32.02 -3.79
N ILE A 105 -19.05 32.40 -4.38
CA ILE A 105 -19.84 31.51 -5.23
C ILE A 105 -18.96 30.97 -6.36
N LYS A 106 -18.29 31.88 -7.06
CA LYS A 106 -17.38 31.51 -8.14
C LYS A 106 -16.33 30.50 -7.66
N SER A 107 -15.60 30.87 -6.61
CA SER A 107 -14.62 29.97 -5.97
C SER A 107 -15.22 28.60 -5.65
N TYR A 108 -16.37 28.59 -4.99
CA TYR A 108 -17.04 27.34 -4.65
C TYR A 108 -17.43 26.52 -5.88
N LEU A 109 -17.95 27.17 -6.91
CA LEU A 109 -18.38 26.42 -8.09
C LEU A 109 -17.19 25.76 -8.80
N PHE A 110 -16.15 26.56 -9.06
CA PHE A 110 -14.91 26.07 -9.65
C PHE A 110 -14.39 24.84 -8.90
N GLN A 111 -14.36 24.91 -7.58
CA GLN A 111 -13.80 23.82 -6.78
C GLN A 111 -14.69 22.58 -6.89
N LEU A 112 -16.01 22.79 -6.83
CA LEU A 112 -16.95 21.68 -6.95
C LEU A 112 -16.74 20.95 -8.27
N LEU A 113 -16.56 21.72 -9.34
CA LEU A 113 -16.33 21.16 -10.67
C LEU A 113 -15.02 20.43 -10.78
N GLN A 114 -14.01 20.88 -10.03
CA GLN A 114 -12.72 20.18 -9.96
C GLN A 114 -12.90 18.81 -9.32
N GLY A 115 -13.50 18.80 -8.14
CA GLY A 115 -13.75 17.57 -7.39
C GLY A 115 -14.58 16.60 -8.20
N LEU A 116 -15.54 17.14 -8.95
CA LEU A 116 -16.40 16.30 -9.77
C LEU A 116 -15.69 15.76 -11.00
N ALA A 117 -14.95 16.62 -11.70
CA ALA A 117 -14.16 16.18 -12.83
C ALA A 117 -13.22 15.06 -12.37
N PHE A 118 -12.70 15.21 -11.16
CA PHE A 118 -11.83 14.18 -10.60
C PHE A 118 -12.60 12.89 -10.36
N CYS A 119 -13.81 12.99 -9.82
CA CYS A 119 -14.64 11.80 -9.63
C CYS A 119 -14.91 11.13 -10.97
N HIS A 120 -15.39 11.90 -11.93
CA HIS A 120 -15.78 11.35 -13.23
C HIS A 120 -14.59 10.80 -13.99
N SER A 121 -13.42 11.41 -13.81
CA SER A 121 -12.17 10.91 -14.40
C SER A 121 -11.77 9.56 -13.82
N HIS A 122 -12.34 9.21 -12.67
CA HIS A 122 -12.05 7.96 -12.02
C HIS A 122 -13.26 7.02 -11.97
N ARG A 123 -14.12 7.15 -12.98
CA ARG A 123 -15.28 6.27 -13.16
C ARG A 123 -16.18 6.17 -11.93
N VAL A 124 -16.38 7.29 -11.24
CA VAL A 124 -17.21 7.36 -10.04
C VAL A 124 -18.29 8.43 -10.18
N LEU A 125 -19.54 8.02 -10.02
CA LEU A 125 -20.68 8.94 -10.01
C LEU A 125 -21.09 9.23 -8.57
N HIS A 126 -21.28 10.50 -8.21
CA HIS A 126 -21.66 10.83 -6.82
C HIS A 126 -23.12 10.49 -6.50
N ARG A 127 -24.04 11.11 -7.24
CA ARG A 127 -25.47 10.77 -7.21
C ARG A 127 -26.23 11.28 -5.96
N ASP A 128 -25.61 12.17 -5.20
CA ASP A 128 -26.32 12.85 -4.13
C ASP A 128 -25.71 14.21 -3.85
N LEU A 129 -25.31 14.90 -4.91
CA LEU A 129 -24.80 16.27 -4.76
C LEU A 129 -25.92 17.20 -4.32
N LYS A 130 -25.81 17.68 -3.09
CA LYS A 130 -26.77 18.60 -2.52
C LYS A 130 -26.02 19.38 -1.44
N PRO A 131 -26.55 20.55 -1.05
CA PRO A 131 -25.82 21.46 -0.16
C PRO A 131 -25.35 20.80 1.13
N GLN A 132 -26.16 19.88 1.66
CA GLN A 132 -25.83 19.16 2.88
C GLN A 132 -24.57 18.29 2.74
N ASN A 133 -24.25 17.92 1.50
CA ASN A 133 -23.10 17.04 1.22
C ASN A 133 -21.90 17.79 0.63
N LEU A 134 -21.96 19.12 0.68
CA LEU A 134 -20.86 19.98 0.26
C LEU A 134 -20.35 20.70 1.52
N LEU A 135 -19.12 20.37 1.92
CA LEU A 135 -18.54 20.88 3.17
C LEU A 135 -17.49 21.96 2.97
N ILE A 136 -17.60 23.03 3.74
CA ILE A 136 -16.68 24.16 3.64
C ILE A 136 -15.76 24.24 4.88
N ASN A 137 -14.55 24.74 4.67
CA ASN A 137 -13.63 25.00 5.77
C ASN A 137 -13.28 26.50 5.90
N THR A 138 -12.51 26.83 6.93
CA THR A 138 -12.22 28.24 7.21
C THR A 138 -11.18 28.81 6.25
N GLU A 139 -10.50 27.95 5.49
CA GLU A 139 -9.46 28.42 4.56
C GLU A 139 -9.98 28.72 3.16
N GLY A 140 -11.22 28.32 2.87
CA GLY A 140 -11.85 28.65 1.59
C GLY A 140 -12.10 27.46 0.69
N ALA A 141 -11.82 26.27 1.21
CA ALA A 141 -12.12 25.05 0.51
C ALA A 141 -13.60 24.70 0.63
N ILE A 142 -14.14 24.11 -0.44
CA ILE A 142 -15.42 23.43 -0.41
C ILE A 142 -15.13 22.01 -0.90
N LYS A 143 -15.78 21.01 -0.32
CA LYS A 143 -15.45 19.62 -0.64
C LYS A 143 -16.65 18.71 -0.78
N LEU A 144 -16.60 17.85 -1.79
CA LEU A 144 -17.59 16.79 -1.99
C LEU A 144 -17.53 15.78 -0.85
N ALA A 145 -18.66 15.60 -0.16
CA ALA A 145 -18.76 14.59 0.89
C ALA A 145 -19.91 13.62 0.65
N ASP A 146 -19.94 12.58 1.50
CA ASP A 146 -20.90 11.47 1.48
C ASP A 146 -20.97 10.71 0.16
N PHE A 147 -20.20 9.62 0.08
CA PHE A 147 -20.13 8.79 -1.12
C PHE A 147 -20.90 7.46 -0.95
N GLY A 148 -21.72 7.39 0.09
CA GLY A 148 -22.50 6.19 0.39
C GLY A 148 -23.48 5.82 -0.72
N LEU A 149 -23.88 6.82 -1.52
CA LEU A 149 -24.79 6.60 -2.63
C LEU A 149 -24.08 6.57 -3.99
N ALA A 150 -22.77 6.77 -3.97
CA ALA A 150 -21.93 6.79 -5.16
C ALA A 150 -21.79 5.42 -5.79
N ARG A 151 -21.27 5.36 -7.02
CA ARG A 151 -20.87 4.06 -7.58
C ARG A 151 -19.81 4.11 -8.69
N ALA A 152 -19.04 3.03 -8.80
CA ALA A 152 -18.06 2.90 -9.86
C ALA A 152 -18.78 2.51 -11.14
N PHE A 153 -18.63 3.29 -12.19
CA PHE A 153 -19.30 2.96 -13.44
C PHE A 153 -18.34 2.39 -14.49
N GLY A 154 -18.91 1.75 -15.50
CA GLY A 154 -18.13 1.26 -16.62
C GLY A 154 -18.36 2.12 -17.84
N VAL A 155 -17.61 1.85 -18.90
CA VAL A 155 -17.75 2.60 -20.14
C VAL A 155 -18.03 1.61 -21.29
N PRO A 156 -19.17 1.77 -21.99
CA PRO A 156 -20.24 2.69 -21.63
C PRO A 156 -20.97 2.23 -20.36
N VAL A 157 -21.82 3.10 -19.80
CA VAL A 157 -22.55 2.77 -18.57
C VAL A 157 -23.57 1.68 -18.83
N ARG A 158 -23.91 0.93 -17.80
CA ARG A 158 -25.09 0.08 -17.85
C ARG A 158 -26.14 0.56 -16.85
N THR A 159 -27.26 -0.15 -16.77
CA THR A 159 -28.36 0.24 -15.87
C THR A 159 -27.97 0.12 -14.41
N TYR A 160 -28.11 1.21 -13.68
CA TYR A 160 -27.92 1.24 -12.23
C TYR A 160 -29.26 1.65 -11.58
N TPO A 161 -29.32 1.68 -10.26
CA TPO A 161 -30.43 2.30 -9.51
CB TPO A 161 -29.90 2.37 -8.07
CG2 TPO A 161 -31.02 2.31 -7.05
OG1 TPO A 161 -29.03 1.25 -7.81
P TPO A 161 -27.47 1.39 -7.39
O1P TPO A 161 -27.10 -0.04 -7.13
O2P TPO A 161 -26.79 2.00 -8.59
O3P TPO A 161 -27.43 2.31 -6.20
C TPO A 161 -30.55 3.66 -10.11
O TPO A 161 -29.56 4.38 -10.09
N HIS A 162 -31.68 4.14 -10.65
CA HIS A 162 -33.03 4.34 -10.12
C HIS A 162 -33.41 5.21 -8.91
N GLU A 163 -33.62 4.66 -7.72
CA GLU A 163 -33.75 5.57 -6.55
C GLU A 163 -32.42 6.31 -6.55
N VAL A 164 -32.45 7.57 -6.99
CA VAL A 164 -31.18 8.26 -7.24
C VAL A 164 -31.28 9.79 -7.23
N VAL A 165 -30.38 10.39 -6.45
CA VAL A 165 -30.32 11.83 -6.20
C VAL A 165 -31.52 12.31 -5.41
N THR A 166 -31.27 13.15 -4.40
CA THR A 166 -32.34 13.83 -3.70
C THR A 166 -33.21 14.59 -4.70
N LEU A 167 -34.52 14.44 -4.53
CA LEU A 167 -35.51 14.86 -5.52
C LEU A 167 -35.31 16.26 -6.08
N TRP A 168 -35.00 17.22 -5.22
CA TRP A 168 -34.80 18.60 -5.65
C TRP A 168 -33.63 18.76 -6.62
N TYR A 169 -32.77 17.75 -6.69
CA TYR A 169 -31.50 17.86 -7.44
C TYR A 169 -31.38 16.80 -8.51
N ARG A 170 -32.47 16.06 -8.70
CA ARG A 170 -32.53 14.95 -9.63
C ARG A 170 -32.73 15.42 -11.09
N ALA A 171 -31.85 14.92 -11.95
CA ALA A 171 -31.85 15.23 -13.38
C ALA A 171 -33.15 14.77 -14.05
N PRO A 172 -33.56 15.44 -15.14
CA PRO A 172 -34.80 15.04 -15.82
C PRO A 172 -34.77 13.64 -16.43
N GLU A 173 -33.60 13.16 -16.82
CA GLU A 173 -33.49 11.81 -17.38
C GLU A 173 -33.66 10.71 -16.34
N ILE A 174 -33.53 11.05 -15.06
CA ILE A 174 -33.84 10.06 -14.03
C ILE A 174 -35.35 10.06 -13.81
N LEU A 175 -35.89 11.26 -13.63
CA LEU A 175 -37.32 11.46 -13.46
C LEU A 175 -38.13 10.86 -14.62
N LEU A 176 -37.58 10.91 -15.83
CA LEU A 176 -38.28 10.37 -17.01
C LEU A 176 -37.96 8.91 -17.28
N GLY A 177 -37.17 8.32 -16.38
CA GLY A 177 -37.01 6.88 -16.31
C GLY A 177 -36.11 6.27 -17.37
N CYS A 178 -35.16 7.07 -17.86
CA CYS A 178 -34.17 6.62 -18.83
C CYS A 178 -33.42 5.40 -18.31
N LYS A 179 -33.26 4.38 -19.15
CA LYS A 179 -32.62 3.14 -18.69
C LYS A 179 -31.13 3.34 -18.35
N TYR A 180 -30.52 4.33 -19.01
CA TYR A 180 -29.15 4.71 -18.74
C TYR A 180 -29.12 6.16 -18.34
N TYR A 181 -28.26 6.46 -17.37
CA TYR A 181 -27.93 7.81 -17.01
C TYR A 181 -26.43 7.79 -16.74
N SER A 182 -25.79 8.96 -16.81
CA SER A 182 -24.34 9.01 -16.81
C SER A 182 -23.81 10.15 -15.95
N THR A 183 -22.58 10.55 -16.22
CA THR A 183 -21.94 11.65 -15.53
C THR A 183 -22.81 12.89 -15.50
N ALA A 184 -23.61 13.07 -16.55
CA ALA A 184 -24.40 14.28 -16.74
C ALA A 184 -25.30 14.58 -15.55
N VAL A 185 -25.75 13.53 -14.85
CA VAL A 185 -26.66 13.71 -13.71
C VAL A 185 -26.05 14.48 -12.55
N ASP A 186 -24.74 14.32 -12.33
CA ASP A 186 -24.05 15.03 -11.28
C ASP A 186 -23.91 16.50 -11.65
N ILE A 187 -23.86 16.79 -12.94
CA ILE A 187 -23.79 18.17 -13.42
C ILE A 187 -25.12 18.89 -13.18
N TRP A 188 -26.22 18.17 -13.41
CA TRP A 188 -27.54 18.73 -13.17
C TRP A 188 -27.61 19.22 -11.73
N SER A 189 -27.23 18.36 -10.80
CA SER A 189 -27.21 18.72 -9.39
C SER A 189 -26.39 19.98 -9.15
N LEU A 190 -25.17 19.99 -9.69
CA LEU A 190 -24.31 21.16 -9.55
C LEU A 190 -24.91 22.45 -10.12
N GLY A 191 -25.67 22.31 -11.22
CA GLY A 191 -26.38 23.44 -11.81
C GLY A 191 -27.39 24.00 -10.83
N CYS A 192 -28.25 23.12 -10.31
CA CYS A 192 -29.21 23.47 -9.26
C CYS A 192 -28.54 24.18 -8.08
N ILE A 193 -27.39 23.66 -7.67
CA ILE A 193 -26.64 24.20 -6.52
C ILE A 193 -26.07 25.58 -6.83
N PHE A 194 -25.59 25.75 -8.06
CA PHE A 194 -25.06 27.03 -8.55
C PHE A 194 -26.17 28.08 -8.43
N ALA A 195 -27.38 27.73 -8.85
CA ALA A 195 -28.51 28.64 -8.72
C ALA A 195 -28.83 28.90 -7.24
N GLU A 196 -28.80 27.83 -6.45
CA GLU A 196 -29.09 27.94 -5.01
C GLU A 196 -28.08 28.81 -4.24
N MET A 197 -26.80 28.77 -4.60
CA MET A 197 -25.82 29.65 -3.96
C MET A 197 -26.12 31.11 -4.25
N VAL A 198 -26.63 31.39 -5.45
CA VAL A 198 -26.92 32.74 -5.88
C VAL A 198 -28.17 33.29 -5.20
N THR A 199 -29.19 32.44 -5.03
CA THR A 199 -30.51 32.86 -4.55
C THR A 199 -30.74 32.50 -3.08
N ARG A 200 -30.06 31.46 -2.62
CA ARG A 200 -30.22 30.94 -1.25
C ARG A 200 -31.53 30.17 -1.06
N ARG A 201 -32.19 29.86 -2.17
CA ARG A 201 -33.38 29.03 -2.20
C ARG A 201 -33.24 27.97 -3.30
N ALA A 202 -33.87 26.81 -3.10
CA ALA A 202 -33.81 25.73 -4.08
C ALA A 202 -34.43 26.13 -5.41
N LEU A 203 -33.81 25.71 -6.50
CA LEU A 203 -34.29 26.06 -7.84
C LEU A 203 -35.58 25.34 -8.16
N PHE A 204 -35.60 24.03 -7.94
CA PHE A 204 -36.79 23.22 -8.20
C PHE A 204 -37.24 22.43 -6.97
N PRO A 205 -37.90 23.10 -6.01
CA PRO A 205 -38.31 22.42 -4.78
C PRO A 205 -39.65 21.67 -4.89
N GLY A 206 -39.66 20.54 -5.60
CA GLY A 206 -40.89 19.77 -5.77
C GLY A 206 -41.17 18.86 -4.59
N ASP A 207 -42.44 18.50 -4.41
CA ASP A 207 -42.80 17.55 -3.34
C ASP A 207 -43.29 16.18 -3.84
N SER A 208 -43.00 15.90 -5.11
CA SER A 208 -43.24 14.59 -5.73
C SER A 208 -42.53 14.56 -7.07
N GLU A 209 -42.34 13.36 -7.62
CA GLU A 209 -41.63 13.23 -8.89
C GLU A 209 -42.24 14.05 -10.03
N ILE A 210 -43.56 13.95 -10.19
CA ILE A 210 -44.24 14.63 -11.30
C ILE A 210 -44.19 16.14 -11.11
N ASP A 211 -44.34 16.55 -9.85
CA ASP A 211 -44.34 17.95 -9.48
C ASP A 211 -42.95 18.53 -9.71
N GLN A 212 -41.93 17.72 -9.45
CA GLN A 212 -40.56 18.07 -9.76
C GLN A 212 -40.35 18.29 -11.26
N LEU A 213 -40.85 17.36 -12.07
CA LEU A 213 -40.79 17.49 -13.53
C LEU A 213 -41.47 18.75 -14.01
N PHE A 214 -42.68 19.00 -13.51
CA PHE A 214 -43.45 20.17 -13.90
C PHE A 214 -42.81 21.48 -13.46
N ARG A 215 -42.20 21.49 -12.28
CA ARG A 215 -41.42 22.66 -11.84
C ARG A 215 -40.25 22.95 -12.77
N ILE A 216 -39.55 21.89 -13.18
CA ILE A 216 -38.47 22.02 -14.14
C ILE A 216 -38.98 22.51 -15.50
N PHE A 217 -40.08 21.93 -15.97
CA PHE A 217 -40.63 22.31 -17.27
C PHE A 217 -41.09 23.78 -17.28
N ARG A 218 -41.76 24.21 -16.21
CA ARG A 218 -42.25 25.57 -16.16
C ARG A 218 -41.14 26.62 -16.17
N THR A 219 -39.92 26.18 -15.86
CA THR A 219 -38.74 27.04 -15.80
C THR A 219 -37.91 26.95 -17.09
N LEU A 220 -37.60 25.74 -17.54
CA LEU A 220 -36.75 25.54 -18.69
C LEU A 220 -37.52 25.19 -19.96
N GLY A 221 -38.84 25.28 -19.90
CA GLY A 221 -39.69 24.86 -21.01
C GLY A 221 -39.93 23.37 -21.00
N THR A 222 -41.10 22.93 -21.47
CA THR A 222 -41.34 21.49 -21.62
C THR A 222 -40.54 21.07 -22.84
N PRO A 223 -39.67 20.06 -22.69
CA PRO A 223 -38.80 19.73 -23.81
C PRO A 223 -39.50 18.88 -24.87
N ASP A 224 -39.08 19.03 -26.12
CA ASP A 224 -39.60 18.21 -27.21
C ASP A 224 -38.45 17.56 -27.97
N GLU A 225 -38.79 16.87 -29.06
CA GLU A 225 -37.79 16.17 -29.89
C GLU A 225 -36.70 17.09 -30.44
N VAL A 226 -37.06 18.35 -30.70
CA VAL A 226 -36.08 19.34 -31.15
C VAL A 226 -34.99 19.54 -30.09
N VAL A 227 -35.39 19.95 -28.89
CA VAL A 227 -34.43 20.31 -27.87
C VAL A 227 -33.83 19.09 -27.17
N TRP A 228 -34.49 17.94 -27.29
CA TRP A 228 -34.02 16.72 -26.63
C TRP A 228 -34.54 15.46 -27.35
N PRO A 229 -33.84 15.06 -28.44
CA PRO A 229 -34.28 13.92 -29.24
C PRO A 229 -34.46 12.67 -28.38
N GLY A 230 -35.60 12.01 -28.53
CA GLY A 230 -35.89 10.82 -27.73
C GLY A 230 -36.82 11.02 -26.55
N VAL A 231 -37.08 12.28 -26.15
CA VAL A 231 -37.94 12.54 -24.99
C VAL A 231 -39.29 11.84 -25.06
N THR A 232 -39.96 11.96 -26.20
CA THR A 232 -41.32 11.48 -26.34
C THR A 232 -41.38 9.96 -26.22
N SER A 233 -40.21 9.33 -26.40
CA SER A 233 -40.08 7.89 -26.30
C SER A 233 -39.60 7.38 -24.93
N MET A 234 -39.24 8.29 -24.04
CA MET A 234 -38.79 7.91 -22.69
C MET A 234 -39.92 7.24 -21.88
N PRO A 235 -39.57 6.25 -21.03
CA PRO A 235 -40.56 5.40 -20.39
C PRO A 235 -41.67 6.15 -19.64
N ASP A 236 -41.29 7.17 -18.89
CA ASP A 236 -42.26 7.92 -18.08
C ASP A 236 -42.64 9.26 -18.68
N TYR A 237 -42.33 9.45 -19.96
CA TYR A 237 -42.82 10.61 -20.68
C TYR A 237 -44.29 10.40 -21.03
N LYS A 238 -45.07 11.46 -20.90
CA LYS A 238 -46.50 11.42 -21.21
C LYS A 238 -46.86 12.53 -22.21
N PRO A 239 -47.43 12.15 -23.36
CA PRO A 239 -47.86 13.16 -24.34
C PRO A 239 -48.78 14.24 -23.75
N SER A 240 -49.50 13.88 -22.69
CA SER A 240 -50.40 14.80 -22.00
C SER A 240 -49.69 15.84 -21.13
N PHE A 241 -48.40 15.65 -20.85
CA PHE A 241 -47.61 16.68 -20.16
C PHE A 241 -47.94 18.03 -20.74
N PRO A 242 -48.23 19.02 -19.88
CA PRO A 242 -48.47 20.36 -20.40
C PRO A 242 -47.23 20.93 -21.05
N LYS A 243 -47.42 21.69 -22.12
CA LYS A 243 -46.31 22.29 -22.86
C LYS A 243 -46.10 23.73 -22.40
N TRP A 244 -45.04 23.96 -21.64
CA TRP A 244 -44.74 25.29 -21.15
C TRP A 244 -43.63 25.92 -21.98
N ALA A 245 -43.77 27.20 -22.28
CA ALA A 245 -42.76 27.95 -23.00
C ALA A 245 -41.50 28.09 -22.14
N ARG A 246 -40.32 28.06 -22.77
CA ARG A 246 -39.08 28.22 -22.05
C ARG A 246 -38.90 29.66 -21.58
N GLN A 247 -38.55 29.84 -20.31
CA GLN A 247 -38.35 31.17 -19.76
C GLN A 247 -37.01 31.77 -20.16
N ASP A 248 -37.06 33.04 -20.53
CA ASP A 248 -35.88 33.91 -20.65
C ASP A 248 -34.97 33.61 -19.47
N PHE A 249 -33.78 33.10 -19.76
CA PHE A 249 -32.88 32.61 -18.73
C PHE A 249 -32.40 33.69 -17.75
N SER A 250 -32.56 34.95 -18.13
CA SER A 250 -32.24 36.06 -17.25
C SER A 250 -33.25 36.15 -16.13
N LYS A 251 -34.38 35.49 -16.29
CA LYS A 251 -35.48 35.57 -15.34
C LYS A 251 -35.40 34.45 -14.32
N VAL A 252 -34.70 33.38 -14.67
CA VAL A 252 -34.54 32.24 -13.77
C VAL A 252 -33.68 32.63 -12.56
N VAL A 253 -32.52 33.23 -12.81
CA VAL A 253 -31.65 33.72 -11.74
C VAL A 253 -31.27 35.17 -12.06
N PRO A 254 -32.20 36.12 -11.83
CA PRO A 254 -32.00 37.51 -12.26
C PRO A 254 -30.67 38.20 -11.90
N PRO A 255 -30.13 38.00 -10.68
CA PRO A 255 -28.87 38.69 -10.39
C PRO A 255 -27.61 38.14 -11.09
N LEU A 256 -27.73 37.02 -11.78
CA LEU A 256 -26.59 36.38 -12.44
C LEU A 256 -26.20 37.11 -13.73
N ASP A 257 -24.90 37.30 -13.92
CA ASP A 257 -24.35 37.98 -15.11
C ASP A 257 -24.34 37.10 -16.36
N GLU A 258 -23.93 37.67 -17.50
CA GLU A 258 -23.94 36.97 -18.79
C GLU A 258 -23.13 35.67 -18.80
N ASP A 259 -21.96 35.68 -18.17
CA ASP A 259 -21.12 34.49 -18.13
C ASP A 259 -21.74 33.40 -17.24
N GLY A 260 -22.23 33.80 -16.06
CA GLY A 260 -22.91 32.89 -15.13
C GLY A 260 -24.11 32.22 -15.77
N ARG A 261 -24.98 33.04 -16.37
CA ARG A 261 -26.17 32.56 -17.08
C ARG A 261 -25.84 31.56 -18.18
N SER A 262 -24.80 31.89 -18.97
CA SER A 262 -24.31 30.98 -20.01
C SER A 262 -23.93 29.65 -19.38
N LEU A 263 -23.11 29.69 -18.33
CA LEU A 263 -22.65 28.47 -17.68
C LEU A 263 -23.83 27.64 -17.16
N LEU A 264 -24.70 28.28 -16.36
CA LEU A 264 -25.85 27.59 -15.79
C LEU A 264 -26.70 26.95 -16.87
N SER A 265 -26.92 27.67 -17.97
CA SER A 265 -27.77 27.17 -19.04
C SER A 265 -27.25 25.85 -19.60
N GLN A 266 -25.93 25.74 -19.69
CA GLN A 266 -25.29 24.54 -20.19
C GLN A 266 -25.26 23.43 -19.16
N MET A 267 -25.21 23.79 -17.89
CA MET A 267 -25.28 22.80 -16.82
C MET A 267 -26.71 22.24 -16.69
N LEU A 268 -27.70 23.03 -17.13
CA LEU A 268 -29.10 22.64 -17.07
C LEU A 268 -29.72 22.32 -18.43
N HIS A 269 -28.87 21.92 -19.38
CA HIS A 269 -29.38 21.48 -20.68
C HIS A 269 -30.20 20.20 -20.49
N TYR A 270 -31.31 20.08 -21.20
CA TYR A 270 -32.18 18.90 -21.07
C TYR A 270 -31.51 17.60 -21.50
N ASP A 271 -30.80 17.67 -22.63
CA ASP A 271 -30.17 16.51 -23.24
C ASP A 271 -28.87 16.20 -22.52
N PRO A 272 -28.77 15.01 -21.91
CA PRO A 272 -27.55 14.60 -21.21
C PRO A 272 -26.31 14.58 -22.12
N ASN A 273 -26.50 14.39 -23.43
CA ASN A 273 -25.41 14.43 -24.39
C ASN A 273 -24.84 15.82 -24.62
N LYS A 274 -25.68 16.84 -24.49
CA LYS A 274 -25.27 18.21 -24.78
C LYS A 274 -24.88 18.95 -23.51
N ARG A 275 -25.25 18.40 -22.36
CA ARG A 275 -24.99 19.07 -21.09
C ARG A 275 -23.49 19.17 -20.88
N ILE A 276 -23.02 20.33 -20.42
CA ILE A 276 -21.60 20.54 -20.21
C ILE A 276 -21.02 19.50 -19.22
N SER A 277 -19.75 19.15 -19.41
CA SER A 277 -19.08 18.24 -18.49
C SER A 277 -18.26 19.07 -17.50
N ALA A 278 -17.94 18.47 -16.35
CA ALA A 278 -17.19 19.16 -15.29
C ALA A 278 -15.85 19.62 -15.84
N LYS A 279 -15.20 18.74 -16.59
CA LYS A 279 -13.93 19.01 -17.24
C LYS A 279 -14.02 20.24 -18.14
N ALA A 280 -15.03 20.26 -19.03
CA ALA A 280 -15.21 21.38 -19.95
C ALA A 280 -15.64 22.68 -19.26
N ALA A 281 -16.43 22.56 -18.21
CA ALA A 281 -16.92 23.73 -17.46
C ALA A 281 -15.81 24.55 -16.83
N LEU A 282 -14.71 23.89 -16.46
CA LEU A 282 -13.62 24.55 -15.76
C LEU A 282 -12.99 25.64 -16.60
N ALA A 283 -13.23 25.58 -17.91
CA ALA A 283 -12.64 26.50 -18.87
C ALA A 283 -13.58 27.60 -19.28
N HIS A 284 -14.80 27.59 -18.73
CA HIS A 284 -15.80 28.61 -19.04
C HIS A 284 -15.33 29.99 -18.63
N PRO A 285 -15.59 31.01 -19.46
CA PRO A 285 -15.20 32.38 -19.12
C PRO A 285 -15.72 32.87 -17.77
N PHE A 286 -16.79 32.26 -17.26
CA PHE A 286 -17.28 32.59 -15.92
C PHE A 286 -16.13 32.60 -14.92
N PHE A 287 -15.18 31.67 -15.11
CA PHE A 287 -14.07 31.50 -14.17
C PHE A 287 -12.79 32.28 -14.54
N GLN A 288 -12.89 33.18 -15.52
CA GLN A 288 -11.70 33.94 -15.94
C GLN A 288 -10.97 34.60 -14.78
N ASP A 289 -11.71 35.19 -13.85
CA ASP A 289 -11.11 35.95 -12.74
C ASP A 289 -11.26 35.29 -11.37
N VAL A 290 -11.31 33.97 -11.35
CA VAL A 290 -11.56 33.22 -10.12
C VAL A 290 -10.40 33.29 -9.10
N THR A 291 -10.76 33.34 -7.80
CA THR A 291 -9.81 33.31 -6.68
C THR A 291 -10.30 32.35 -5.60
N LYS A 292 -9.55 32.23 -4.51
N LYS A 292 -9.53 32.21 -4.52
CA LYS A 292 -9.96 31.40 -3.37
CA LYS A 292 -9.94 31.39 -3.37
C LYS A 292 -9.93 32.20 -2.07
C LYS A 292 -9.93 32.20 -2.06
N PRO A 293 -10.95 33.04 -1.84
CA PRO A 293 -11.01 33.77 -0.57
C PRO A 293 -11.65 32.89 0.51
N VAL A 294 -11.37 33.22 1.76
CA VAL A 294 -11.96 32.54 2.92
C VAL A 294 -13.46 32.88 3.02
N PRO A 295 -14.26 32.03 3.71
CA PRO A 295 -15.67 32.44 3.88
C PRO A 295 -15.74 33.82 4.52
N HIS A 296 -16.74 34.61 4.16
CA HIS A 296 -16.89 35.97 4.71
C HIS A 296 -17.47 35.98 6.13
N LEU A 297 -17.96 34.82 6.59
CA LEU A 297 -18.51 34.65 7.93
C LEU A 297 -17.66 33.67 8.73
N ARG A 298 -17.62 33.86 10.05
CA ARG A 298 -17.06 32.87 10.96
C ARG A 298 -17.82 31.56 10.84
N LEU A 299 -17.09 30.45 11.00
CA LEU A 299 -17.71 29.12 11.00
C LEU A 299 -17.54 28.44 12.36
N SER B 1 -22.29 9.61 -27.35
CA SER B 1 -23.10 10.32 -26.33
C SER B 1 -22.60 10.06 -24.90
N VAL B 2 -23.26 10.72 -23.98
CA VAL B 2 -22.75 10.79 -22.60
C VAL B 2 -22.65 9.43 -21.89
N ASN B 3 -23.40 8.43 -22.38
CA ASN B 3 -23.34 7.07 -21.84
C ASN B 3 -21.95 6.47 -22.03
N GLU B 4 -21.32 6.87 -23.13
CA GLU B 4 -19.99 6.43 -23.53
C GLU B 4 -18.92 7.36 -23.00
N VAL B 5 -19.34 8.35 -22.19
CA VAL B 5 -18.44 9.25 -21.46
C VAL B 5 -17.29 9.84 -22.32
N PRO B 6 -17.65 10.54 -23.42
CA PRO B 6 -16.64 11.08 -24.34
C PRO B 6 -15.55 11.93 -23.66
N ASP B 7 -15.90 12.74 -22.67
CA ASP B 7 -14.93 13.63 -22.03
C ASP B 7 -14.02 12.95 -21.01
N TYR B 8 -14.28 11.68 -20.68
CA TYR B 8 -13.53 10.99 -19.64
C TYR B 8 -13.04 9.59 -20.01
N HIS B 9 -13.45 9.08 -21.17
CA HIS B 9 -13.11 7.69 -21.49
C HIS B 9 -11.59 7.41 -21.51
N GLU B 10 -10.80 8.34 -22.02
CA GLU B 10 -9.34 8.22 -22.00
C GLU B 10 -8.79 8.20 -20.56
N ASP B 11 -9.17 9.19 -19.75
CA ASP B 11 -8.77 9.29 -18.36
C ASP B 11 -9.07 8.01 -17.60
N ILE B 12 -10.29 7.50 -17.79
CA ILE B 12 -10.73 6.30 -17.12
C ILE B 12 -9.88 5.13 -17.55
N HIS B 13 -9.71 4.96 -18.86
CA HIS B 13 -8.91 3.85 -19.39
C HIS B 13 -7.48 3.87 -18.81
N THR B 14 -6.85 5.04 -18.85
CA THR B 14 -5.55 5.21 -18.23
C THR B 14 -5.59 4.85 -16.75
N TYR B 15 -6.63 5.28 -16.05
CA TYR B 15 -6.77 4.97 -14.63
C TYR B 15 -6.83 3.47 -14.36
N LEU B 16 -7.65 2.77 -15.15
CA LEU B 16 -7.81 1.34 -14.98
C LEU B 16 -6.51 0.60 -15.23
N ARG B 17 -5.75 1.08 -16.21
CA ARG B 17 -4.45 0.52 -16.58
C ARG B 17 -3.42 0.60 -15.46
N GLU B 18 -3.48 1.67 -14.66
CA GLU B 18 -2.66 1.80 -13.46
C GLU B 18 -3.18 0.88 -12.33
N MET B 19 -4.50 0.84 -12.16
CA MET B 19 -5.09 0.07 -11.07
C MET B 19 -4.96 -1.44 -11.29
N GLU B 20 -5.15 -1.91 -12.52
CA GLU B 20 -5.04 -3.35 -12.79
C GLU B 20 -3.69 -3.90 -12.31
N VAL B 21 -2.62 -3.12 -12.47
CA VAL B 21 -1.31 -3.49 -11.99
C VAL B 21 -1.35 -3.56 -10.46
N LYS B 22 -1.90 -2.53 -9.83
CA LYS B 22 -1.98 -2.48 -8.38
C LYS B 22 -2.91 -3.54 -7.79
N CYS B 23 -3.89 -3.98 -8.58
CA CYS B 23 -4.88 -4.95 -8.12
C CYS B 23 -4.58 -6.37 -8.59
N LYS B 24 -3.43 -6.55 -9.25
CA LYS B 24 -3.07 -7.84 -9.79
C LYS B 24 -2.75 -8.84 -8.68
N PRO B 25 -3.38 -10.03 -8.73
CA PRO B 25 -3.01 -11.13 -7.85
C PRO B 25 -1.56 -11.54 -8.11
N LYS B 26 -0.91 -12.18 -7.15
CA LYS B 26 0.46 -12.60 -7.42
C LYS B 26 0.43 -13.93 -8.18
N VAL B 27 1.25 -14.00 -9.24
CA VAL B 27 1.19 -15.07 -10.25
C VAL B 27 1.45 -16.49 -9.72
N GLY B 28 2.47 -16.63 -8.88
CA GLY B 28 2.86 -17.96 -8.40
C GLY B 28 2.24 -18.37 -7.07
N TYR B 29 1.04 -17.87 -6.77
CA TYR B 29 0.45 -18.07 -5.44
C TYR B 29 0.00 -19.51 -5.17
N MET B 30 -0.40 -20.23 -6.21
CA MET B 30 -0.94 -21.59 -6.03
C MET B 30 0.09 -22.60 -5.56
N LYS B 31 1.35 -22.40 -5.98
CA LYS B 31 2.45 -23.27 -5.54
C LYS B 31 2.74 -23.10 -4.05
N LYS B 32 2.44 -21.91 -3.53
CA LYS B 32 2.68 -21.61 -2.11
C LYS B 32 1.43 -21.91 -1.28
N GLN B 33 0.45 -22.56 -1.90
CA GLN B 33 -0.76 -23.01 -1.20
C GLN B 33 -0.65 -24.52 -0.90
N PRO B 34 -0.53 -24.88 0.38
CA PRO B 34 -0.27 -26.26 0.79
C PRO B 34 -1.41 -27.20 0.43
N ASP B 35 -2.65 -26.70 0.45
CA ASP B 35 -3.82 -27.57 0.41
C ASP B 35 -4.76 -27.40 -0.78
N ILE B 36 -4.56 -26.35 -1.58
CA ILE B 36 -5.44 -26.11 -2.71
C ILE B 36 -4.67 -26.08 -4.05
N THR B 37 -5.33 -26.51 -5.11
CA THR B 37 -4.71 -26.60 -6.43
C THR B 37 -5.44 -25.71 -7.44
N ASN B 38 -4.85 -25.54 -8.62
CA ASN B 38 -5.51 -24.83 -9.72
C ASN B 38 -6.86 -25.48 -10.06
N SER B 39 -6.89 -26.81 -9.98
CA SER B 39 -8.11 -27.56 -10.25
C SER B 39 -9.23 -27.22 -9.25
N MET B 40 -8.88 -27.16 -7.96
CA MET B 40 -9.87 -26.89 -6.90
C MET B 40 -10.48 -25.52 -7.11
N ARG B 41 -9.62 -24.56 -7.45
CA ARG B 41 -10.04 -23.20 -7.78
C ARG B 41 -10.93 -23.16 -9.04
N ALA B 42 -10.58 -23.95 -10.04
CA ALA B 42 -11.39 -24.09 -11.26
C ALA B 42 -12.81 -24.55 -10.92
N ILE B 43 -12.92 -25.50 -10.01
CA ILE B 43 -14.21 -25.96 -9.53
C ILE B 43 -14.98 -24.79 -8.89
N LEU B 44 -14.31 -24.09 -7.97
CA LEU B 44 -14.91 -22.94 -7.30
C LEU B 44 -15.46 -21.92 -8.30
N VAL B 45 -14.61 -21.51 -9.23
CA VAL B 45 -14.97 -20.49 -10.21
C VAL B 45 -16.15 -20.95 -11.08
N ASP B 46 -16.14 -22.22 -11.48
CA ASP B 46 -17.24 -22.79 -12.27
C ASP B 46 -18.53 -22.72 -11.47
N TRP B 47 -18.44 -23.04 -10.17
CA TRP B 47 -19.59 -22.98 -9.29
C TRP B 47 -20.11 -21.54 -9.17
N LEU B 48 -19.18 -20.60 -9.06
CA LEU B 48 -19.52 -19.18 -8.99
C LEU B 48 -20.28 -18.72 -10.24
N VAL B 49 -19.88 -19.23 -11.40
CA VAL B 49 -20.59 -18.95 -12.64
C VAL B 49 -22.03 -19.41 -12.51
N GLU B 50 -22.22 -20.61 -11.97
CA GLU B 50 -23.57 -21.14 -11.74
C GLU B 50 -24.35 -20.26 -10.77
N VAL B 51 -23.72 -19.87 -9.67
CA VAL B 51 -24.38 -18.97 -8.72
C VAL B 51 -24.92 -17.74 -9.46
N GLY B 52 -24.04 -17.06 -10.21
CA GLY B 52 -24.42 -15.89 -11.01
C GLY B 52 -25.60 -16.12 -11.94
N GLU B 53 -25.59 -17.27 -12.61
CA GLU B 53 -26.70 -17.75 -13.45
C GLU B 53 -28.00 -17.80 -12.65
N GLU B 54 -27.91 -18.45 -11.49
CA GLU B 54 -29.06 -18.76 -10.66
C GLU B 54 -29.69 -17.50 -10.09
N TYR B 55 -28.87 -16.52 -9.75
CA TYR B 55 -29.38 -15.28 -9.16
C TYR B 55 -29.43 -14.13 -10.16
N LYS B 56 -29.10 -14.45 -11.40
CA LYS B 56 -29.12 -13.50 -12.51
C LYS B 56 -28.29 -12.25 -12.21
N LEU B 57 -27.05 -12.50 -11.79
CA LEU B 57 -26.11 -11.45 -11.43
C LEU B 57 -25.37 -10.97 -12.67
N GLN B 58 -24.83 -9.75 -12.60
CA GLN B 58 -24.01 -9.21 -13.67
C GLN B 58 -22.78 -10.06 -13.84
N ASN B 59 -22.28 -10.12 -15.06
CA ASN B 59 -20.99 -10.74 -15.32
C ASN B 59 -19.89 -9.99 -14.57
N GLU B 60 -20.00 -8.66 -14.52
CA GLU B 60 -19.06 -7.84 -13.79
C GLU B 60 -18.86 -8.32 -12.34
N THR B 61 -19.96 -8.72 -11.72
CA THR B 61 -19.96 -9.26 -10.37
C THR B 61 -19.10 -10.53 -10.28
N LEU B 62 -19.29 -11.46 -11.21
CA LEU B 62 -18.49 -12.69 -11.29
C LEU B 62 -17.00 -12.34 -11.32
N HIS B 63 -16.61 -11.50 -12.28
CA HIS B 63 -15.22 -11.07 -12.47
C HIS B 63 -14.57 -10.42 -11.23
N LEU B 64 -15.34 -9.63 -10.50
CA LEU B 64 -14.87 -9.05 -9.23
C LEU B 64 -14.65 -10.12 -8.16
N ALA B 65 -15.63 -11.00 -8.00
CA ALA B 65 -15.50 -12.11 -7.05
C ALA B 65 -14.21 -12.90 -7.26
N VAL B 66 -13.91 -13.22 -8.52
CA VAL B 66 -12.70 -13.97 -8.87
C VAL B 66 -11.46 -13.19 -8.48
N ASN B 67 -11.42 -11.90 -8.84
CA ASN B 67 -10.33 -11.02 -8.45
C ASN B 67 -10.13 -11.01 -6.93
N TYR B 68 -11.22 -11.00 -6.18
CA TYR B 68 -11.15 -10.96 -4.73
C TYR B 68 -10.58 -12.26 -4.19
N ILE B 69 -11.07 -13.37 -4.73
CA ILE B 69 -10.62 -14.68 -4.31
C ILE B 69 -9.13 -14.78 -4.53
N ASP B 70 -8.71 -14.43 -5.75
CA ASP B 70 -7.32 -14.58 -6.17
C ASP B 70 -6.39 -13.70 -5.35
N ARG B 71 -6.82 -12.47 -5.09
CA ARG B 71 -6.06 -11.52 -4.28
C ARG B 71 -5.98 -12.02 -2.85
N PHE B 72 -7.08 -12.59 -2.38
CA PHE B 72 -7.15 -13.10 -1.02
C PHE B 72 -6.18 -14.27 -0.91
N LEU B 73 -6.24 -15.18 -1.87
CA LEU B 73 -5.42 -16.38 -1.86
C LEU B 73 -3.93 -16.10 -2.02
N SER B 74 -3.60 -14.92 -2.51
CA SER B 74 -2.21 -14.47 -2.68
C SER B 74 -1.49 -14.22 -1.36
N SER B 75 -2.24 -13.93 -0.31
CA SER B 75 -1.64 -13.72 1.01
C SER B 75 -2.16 -14.68 2.10
N MET B 76 -3.39 -15.15 1.95
CA MET B 76 -3.98 -16.03 2.94
C MET B 76 -3.91 -17.49 2.52
N SER B 77 -3.35 -18.30 3.39
CA SER B 77 -3.31 -19.73 3.19
C SER B 77 -4.65 -20.32 3.67
N VAL B 78 -5.29 -21.12 2.81
CA VAL B 78 -6.67 -21.61 3.05
C VAL B 78 -6.78 -23.12 2.80
N LEU B 79 -7.41 -23.84 3.74
CA LEU B 79 -7.69 -25.28 3.59
C LEU B 79 -8.86 -25.53 2.63
N ARG B 80 -8.86 -26.68 1.97
CA ARG B 80 -9.86 -26.98 0.94
C ARG B 80 -11.30 -26.97 1.47
N GLY B 81 -11.50 -27.43 2.71
CA GLY B 81 -12.80 -27.35 3.36
C GLY B 81 -13.31 -25.92 3.53
N LYS B 82 -12.42 -24.95 3.38
CA LYS B 82 -12.76 -23.53 3.58
C LYS B 82 -12.74 -22.69 2.30
N LEU B 83 -12.28 -23.29 1.20
CA LEU B 83 -12.16 -22.59 -0.09
C LEU B 83 -13.50 -22.00 -0.58
N GLN B 84 -14.58 -22.77 -0.41
CA GLN B 84 -15.92 -22.30 -0.78
C GLN B 84 -16.40 -21.11 0.07
N LEU B 85 -16.05 -21.11 1.36
CA LEU B 85 -16.47 -20.03 2.26
C LEU B 85 -15.87 -18.71 1.79
N VAL B 86 -14.58 -18.73 1.51
CA VAL B 86 -13.89 -17.59 0.90
C VAL B 86 -14.65 -17.15 -0.34
N GLY B 87 -14.86 -18.08 -1.27
CA GLY B 87 -15.55 -17.81 -2.53
C GLY B 87 -16.91 -17.18 -2.34
N THR B 88 -17.68 -17.74 -1.40
CA THR B 88 -19.01 -17.23 -1.10
C THR B 88 -18.96 -15.79 -0.58
N ALA B 89 -18.11 -15.55 0.43
CA ALA B 89 -17.95 -14.19 0.95
C ALA B 89 -17.56 -13.20 -0.15
N ALA B 90 -16.62 -13.61 -1.01
CA ALA B 90 -16.18 -12.78 -2.12
C ALA B 90 -17.37 -12.40 -3.03
N MET B 91 -18.15 -13.39 -3.42
CA MET B 91 -19.29 -13.18 -4.30
C MET B 91 -20.32 -12.25 -3.63
N LEU B 92 -20.53 -12.42 -2.33
CA LEU B 92 -21.40 -11.54 -1.55
C LEU B 92 -20.90 -10.10 -1.58
N LEU B 93 -19.59 -9.92 -1.42
CA LEU B 93 -18.99 -8.60 -1.50
C LEU B 93 -19.08 -8.03 -2.90
N ALA B 94 -18.86 -8.89 -3.90
CA ALA B 94 -19.03 -8.48 -5.29
C ALA B 94 -20.46 -7.97 -5.50
N SER B 95 -21.45 -8.77 -5.10
CA SER B 95 -22.85 -8.41 -5.21
C SER B 95 -23.15 -7.05 -4.58
N LYS B 96 -22.72 -6.88 -3.33
CA LYS B 96 -22.94 -5.63 -2.60
C LYS B 96 -22.35 -4.44 -3.34
N PHE B 97 -21.17 -4.63 -3.93
CA PHE B 97 -20.53 -3.58 -4.70
C PHE B 97 -21.25 -3.28 -6.01
N GLU B 98 -21.48 -4.31 -6.82
CA GLU B 98 -21.86 -4.15 -8.23
C GLU B 98 -23.36 -4.15 -8.52
N GLU B 99 -24.14 -4.85 -7.71
CA GLU B 99 -25.54 -5.08 -8.03
C GLU B 99 -26.51 -4.03 -7.48
N ILE B 100 -27.57 -3.74 -8.25
CA ILE B 100 -28.67 -2.89 -7.79
C ILE B 100 -29.40 -3.60 -6.65
N TYR B 101 -29.78 -4.84 -6.90
CA TYR B 101 -30.38 -5.71 -5.88
C TYR B 101 -29.48 -6.93 -5.61
N PRO B 102 -28.56 -6.81 -4.64
CA PRO B 102 -27.80 -7.99 -4.28
C PRO B 102 -28.73 -9.01 -3.60
N PRO B 103 -28.51 -10.32 -3.85
CA PRO B 103 -29.20 -11.31 -3.04
C PRO B 103 -28.78 -11.20 -1.58
N GLU B 104 -29.67 -11.56 -0.68
CA GLU B 104 -29.40 -11.40 0.74
C GLU B 104 -28.47 -12.49 1.28
N VAL B 105 -27.84 -12.21 2.41
CA VAL B 105 -26.90 -13.14 3.05
C VAL B 105 -27.47 -14.55 3.17
N ALA B 106 -28.70 -14.64 3.69
CA ALA B 106 -29.38 -15.91 3.86
C ALA B 106 -29.39 -16.74 2.56
N GLU B 107 -29.57 -16.06 1.44
CA GLU B 107 -29.54 -16.74 0.15
C GLU B 107 -28.13 -17.20 -0.27
N PHE B 108 -27.09 -16.55 0.24
CA PHE B 108 -25.74 -17.04 0.01
C PHE B 108 -25.41 -18.28 0.85
N VAL B 109 -25.94 -18.34 2.07
CA VAL B 109 -25.79 -19.51 2.94
C VAL B 109 -26.47 -20.74 2.31
N TYR B 110 -27.63 -20.52 1.70
CA TYR B 110 -28.40 -21.58 1.09
C TYR B 110 -27.74 -22.26 -0.12
N ILE B 111 -27.05 -21.49 -0.97
CA ILE B 111 -26.34 -22.08 -2.11
C ILE B 111 -24.99 -22.74 -1.74
N THR B 112 -24.61 -22.65 -0.48
CA THR B 112 -23.51 -23.44 0.04
C THR B 112 -24.02 -24.76 0.61
N ASP B 113 -25.25 -25.13 0.26
CA ASP B 113 -25.93 -26.35 0.77
C ASP B 113 -25.87 -26.55 2.29
N ASP B 114 -25.83 -25.43 3.02
CA ASP B 114 -25.57 -25.39 4.46
C ASP B 114 -24.31 -26.16 4.88
N THR B 115 -23.22 -25.91 4.15
CA THR B 115 -21.89 -26.33 4.56
C THR B 115 -21.45 -25.41 5.68
N TYR B 116 -21.71 -24.12 5.51
CA TYR B 116 -21.33 -23.08 6.46
C TYR B 116 -22.55 -22.37 7.04
N THR B 117 -22.34 -21.65 8.14
CA THR B 117 -23.41 -20.91 8.81
C THR B 117 -23.43 -19.46 8.35
N LYS B 118 -24.55 -18.80 8.65
CA LYS B 118 -24.71 -17.35 8.46
C LYS B 118 -23.59 -16.59 9.19
N LYS B 119 -23.29 -17.03 10.42
CA LYS B 119 -22.20 -16.49 11.23
C LYS B 119 -20.85 -16.61 10.51
N GLN B 120 -20.61 -17.75 9.88
CA GLN B 120 -19.36 -18.00 9.15
C GLN B 120 -19.17 -17.11 7.93
N VAL B 121 -20.21 -16.95 7.12
CA VAL B 121 -20.14 -16.16 5.90
C VAL B 121 -19.86 -14.69 6.21
N LEU B 122 -20.56 -14.17 7.22
CA LEU B 122 -20.40 -12.81 7.69
C LEU B 122 -19.01 -12.52 8.26
N ARG B 123 -18.47 -13.45 9.05
CA ARG B 123 -17.11 -13.34 9.58
C ARG B 123 -16.07 -13.39 8.48
N MET B 124 -16.27 -14.28 7.50
CA MET B 124 -15.41 -14.35 6.32
C MET B 124 -15.52 -13.10 5.45
N GLU B 125 -16.72 -12.50 5.40
CA GLU B 125 -16.89 -11.26 4.65
C GLU B 125 -16.01 -10.17 5.27
N HIS B 126 -16.06 -10.07 6.59
CA HIS B 126 -15.27 -9.10 7.33
C HIS B 126 -13.78 -9.36 7.11
N LEU B 127 -13.37 -10.62 7.22
CA LEU B 127 -11.97 -11.01 7.00
C LEU B 127 -11.47 -10.64 5.60
N VAL B 128 -12.21 -11.02 4.57
CA VAL B 128 -11.85 -10.66 3.19
C VAL B 128 -11.68 -9.15 3.05
N LEU B 129 -12.58 -8.39 3.68
CA LEU B 129 -12.50 -6.93 3.66
C LEU B 129 -11.24 -6.43 4.34
N LYS B 130 -10.87 -7.05 5.46
CA LYS B 130 -9.64 -6.73 6.15
C LYS B 130 -8.43 -7.01 5.26
N VAL B 131 -8.41 -8.22 4.67
CA VAL B 131 -7.29 -8.67 3.85
C VAL B 131 -7.12 -7.80 2.61
N LEU B 132 -8.24 -7.43 1.98
CA LEU B 132 -8.20 -6.59 0.79
C LEU B 132 -8.12 -5.11 1.14
N ALA B 133 -8.17 -4.82 2.45
CA ALA B 133 -8.23 -3.44 2.96
C ALA B 133 -9.32 -2.60 2.25
N PHE B 134 -10.48 -3.22 2.07
CA PHE B 134 -11.63 -2.59 1.42
C PHE B 134 -11.37 -2.13 -0.03
N ASP B 135 -10.22 -2.48 -0.62
CA ASP B 135 -9.94 -2.04 -1.99
C ASP B 135 -10.69 -2.95 -2.97
N LEU B 136 -11.97 -2.61 -3.24
CA LEU B 136 -12.84 -3.49 -4.03
C LEU B 136 -13.17 -3.04 -5.45
N ALA B 137 -12.82 -1.79 -5.79
CA ALA B 137 -13.08 -1.25 -7.12
C ALA B 137 -11.95 -1.63 -8.10
N ALA B 138 -11.81 -2.93 -8.36
CA ALA B 138 -10.73 -3.43 -9.17
C ALA B 138 -11.15 -3.53 -10.63
N PRO B 139 -10.25 -3.15 -11.56
CA PRO B 139 -10.49 -3.36 -13.00
C PRO B 139 -10.70 -4.82 -13.33
N THR B 140 -11.57 -5.09 -14.31
CA THR B 140 -11.90 -6.44 -14.75
C THR B 140 -11.75 -6.55 -16.26
N ILE B 141 -11.74 -7.77 -16.78
CA ILE B 141 -11.70 -7.98 -18.22
C ILE B 141 -12.84 -7.25 -18.91
N ASN B 142 -14.02 -7.28 -18.28
CA ASN B 142 -15.21 -6.66 -18.85
C ASN B 142 -15.14 -5.14 -18.98
N GLN B 143 -14.51 -4.50 -18.01
CA GLN B 143 -14.38 -3.05 -18.05
C GLN B 143 -13.54 -2.62 -19.25
N PHE B 144 -12.58 -3.46 -19.64
CA PHE B 144 -11.79 -3.15 -20.80
C PHE B 144 -12.52 -3.57 -22.06
N LEU B 145 -13.18 -4.73 -22.00
CA LEU B 145 -13.95 -5.24 -23.14
C LEU B 145 -14.99 -4.24 -23.64
N THR B 146 -15.82 -3.74 -22.73
CA THR B 146 -16.88 -2.81 -23.10
C THR B 146 -16.30 -1.57 -23.77
N GLN B 147 -15.07 -1.21 -23.42
CA GLN B 147 -14.41 -0.07 -24.03
C GLN B 147 -13.93 -0.40 -25.44
N TYR B 148 -13.36 -1.59 -25.60
CA TYR B 148 -12.90 -2.07 -26.89
C TYR B 148 -14.07 -2.25 -27.84
N PHE B 149 -15.23 -2.62 -27.28
CA PHE B 149 -16.42 -2.83 -28.09
C PHE B 149 -16.76 -1.58 -28.89
N LEU B 150 -16.48 -0.41 -28.31
CA LEU B 150 -16.80 0.86 -28.96
C LEU B 150 -16.07 1.06 -30.27
N HIS B 151 -15.01 0.28 -30.49
CA HIS B 151 -14.18 0.41 -31.69
C HIS B 151 -14.66 -0.49 -32.83
N GLN B 152 -15.89 -0.98 -32.75
CA GLN B 152 -16.43 -1.87 -33.75
C GLN B 152 -17.09 -1.12 -34.88
N GLN B 153 -16.86 -1.62 -36.10
CA GLN B 153 -17.31 -0.99 -37.33
C GLN B 153 -18.21 -1.92 -38.18
N PRO B 154 -19.54 -1.98 -37.88
CA PRO B 154 -20.22 -1.38 -36.73
C PRO B 154 -20.28 -2.39 -35.59
N ALA B 155 -21.05 -2.09 -34.55
CA ALA B 155 -21.22 -3.03 -33.44
C ALA B 155 -21.76 -4.36 -33.94
N ASN B 156 -21.27 -5.45 -33.36
CA ASN B 156 -21.75 -6.78 -33.70
C ASN B 156 -21.94 -7.64 -32.46
N CYS B 157 -23.16 -8.13 -32.26
CA CYS B 157 -23.56 -8.72 -30.99
C CYS B 157 -22.89 -10.04 -30.71
N LYS B 158 -22.74 -10.85 -31.76
CA LYS B 158 -21.99 -12.10 -31.69
C LYS B 158 -20.53 -11.88 -31.26
N VAL B 159 -19.89 -10.85 -31.81
CA VAL B 159 -18.50 -10.51 -31.46
C VAL B 159 -18.40 -10.22 -29.96
N GLU B 160 -19.21 -9.27 -29.51
CA GLU B 160 -19.26 -8.87 -28.12
C GLU B 160 -19.48 -10.06 -27.21
N SER B 161 -20.54 -10.82 -27.45
CA SER B 161 -20.86 -11.97 -26.62
C SER B 161 -19.73 -13.03 -26.62
N LEU B 162 -19.16 -13.30 -27.78
CA LEU B 162 -18.08 -14.28 -27.88
C LEU B 162 -16.87 -13.83 -27.08
N ALA B 163 -16.58 -12.53 -27.17
CA ALA B 163 -15.49 -11.91 -26.42
C ALA B 163 -15.67 -12.04 -24.92
N MET B 164 -16.90 -11.81 -24.45
CA MET B 164 -17.28 -11.97 -23.06
C MET B 164 -17.12 -13.41 -22.61
N PHE B 165 -17.51 -14.33 -23.49
CA PHE B 165 -17.43 -15.76 -23.26
C PHE B 165 -15.99 -16.22 -23.06
N LEU B 166 -15.10 -15.76 -23.95
CA LEU B 166 -13.72 -16.19 -23.93
C LEU B 166 -12.99 -15.62 -22.72
N GLY B 167 -13.32 -14.38 -22.38
CA GLY B 167 -12.75 -13.71 -21.23
C GLY B 167 -13.22 -14.41 -19.97
N GLU B 168 -14.42 -14.95 -20.03
CA GLU B 168 -14.97 -15.66 -18.89
C GLU B 168 -14.26 -17.00 -18.74
N LEU B 169 -14.00 -17.70 -19.83
CA LEU B 169 -13.24 -18.94 -19.75
C LEU B 169 -11.93 -18.76 -18.99
N SER B 170 -11.20 -17.69 -19.32
CA SER B 170 -9.92 -17.37 -18.67
C SER B 170 -10.00 -17.35 -17.15
N LEU B 171 -11.15 -16.98 -16.59
CA LEU B 171 -11.28 -16.93 -15.13
C LEU B 171 -11.06 -18.29 -14.46
N ILE B 172 -11.40 -19.35 -15.18
CA ILE B 172 -11.40 -20.71 -14.66
C ILE B 172 -9.99 -21.28 -14.41
N ASP B 173 -9.02 -20.83 -15.20
CA ASP B 173 -7.71 -21.49 -15.23
C ASP B 173 -6.58 -20.56 -14.84
N ALA B 174 -6.20 -20.61 -13.56
CA ALA B 174 -5.09 -19.80 -13.05
C ALA B 174 -3.84 -19.98 -13.92
N ASP B 175 -3.47 -21.24 -14.17
CA ASP B 175 -2.47 -21.55 -15.18
C ASP B 175 -3.20 -21.70 -16.52
N PRO B 176 -2.91 -20.81 -17.49
CA PRO B 176 -1.94 -19.71 -17.49
C PRO B 176 -2.44 -18.33 -17.06
N TYR B 177 -3.74 -18.08 -17.17
CA TYR B 177 -4.24 -16.70 -17.21
C TYR B 177 -3.93 -15.81 -16.00
N LEU B 178 -3.50 -16.42 -14.91
CA LEU B 178 -3.14 -15.66 -13.73
C LEU B 178 -1.94 -14.76 -13.99
N LYS B 179 -1.23 -14.99 -15.09
CA LYS B 179 -0.09 -14.16 -15.43
C LYS B 179 -0.37 -13.00 -16.41
N TYR B 180 -1.57 -12.94 -16.96
CA TYR B 180 -1.94 -11.83 -17.84
C TYR B 180 -2.84 -10.82 -17.13
N LEU B 181 -2.66 -9.54 -17.45
CA LEU B 181 -3.51 -8.47 -16.95
C LEU B 181 -4.87 -8.52 -17.62
N PRO B 182 -5.91 -8.05 -16.92
CA PRO B 182 -7.25 -8.02 -17.49
C PRO B 182 -7.32 -7.33 -18.86
N SER B 183 -6.58 -6.23 -19.01
CA SER B 183 -6.61 -5.45 -20.25
C SER B 183 -6.02 -6.24 -21.41
N VAL B 184 -5.01 -7.04 -21.12
CA VAL B 184 -4.36 -7.88 -22.13
C VAL B 184 -5.26 -9.05 -22.53
N ILE B 185 -5.87 -9.71 -21.55
CA ILE B 185 -6.82 -10.77 -21.88
C ILE B 185 -8.00 -10.22 -22.67
N ALA B 186 -8.56 -9.10 -22.20
CA ALA B 186 -9.65 -8.45 -22.92
C ALA B 186 -9.25 -8.23 -24.36
N ALA B 187 -8.04 -7.71 -24.57
CA ALA B 187 -7.51 -7.47 -25.90
C ALA B 187 -7.47 -8.74 -26.73
N ALA B 188 -6.90 -9.80 -26.16
CA ALA B 188 -6.85 -11.09 -26.82
C ALA B 188 -8.25 -11.58 -27.18
N ALA B 189 -9.11 -11.62 -26.17
CA ALA B 189 -10.48 -12.12 -26.34
C ALA B 189 -11.19 -11.35 -27.43
N PHE B 190 -11.00 -10.04 -27.43
CA PHE B 190 -11.64 -9.21 -28.43
C PHE B 190 -11.17 -9.55 -29.84
N HIS B 191 -9.85 -9.58 -30.06
CA HIS B 191 -9.32 -9.95 -31.37
C HIS B 191 -9.81 -11.33 -31.77
N LEU B 192 -9.77 -12.27 -30.82
CA LEU B 192 -10.13 -13.64 -31.09
C LEU B 192 -11.60 -13.76 -31.48
N ALA B 193 -12.45 -12.98 -30.81
CA ALA B 193 -13.87 -12.96 -31.10
C ALA B 193 -14.14 -12.34 -32.46
N LEU B 194 -13.47 -11.22 -32.73
CA LEU B 194 -13.61 -10.51 -33.98
C LEU B 194 -13.14 -11.33 -35.18
N TYR B 195 -12.06 -12.07 -34.99
CA TYR B 195 -11.52 -12.92 -36.05
C TYR B 195 -12.48 -14.06 -36.36
N THR B 196 -12.90 -14.78 -35.33
CA THR B 196 -13.82 -15.90 -35.46
C THR B 196 -15.10 -15.51 -36.21
N VAL B 197 -15.63 -14.33 -35.91
CA VAL B 197 -16.93 -13.93 -36.43
C VAL B 197 -16.83 -13.22 -37.78
N THR B 198 -15.97 -12.21 -37.86
CA THR B 198 -15.92 -11.35 -39.05
C THR B 198 -14.71 -11.60 -39.92
N GLY B 199 -13.74 -12.33 -39.38
CA GLY B 199 -12.45 -12.51 -40.05
C GLY B 199 -11.53 -11.31 -39.88
N GLN B 200 -11.96 -10.31 -39.12
CA GLN B 200 -11.18 -9.09 -38.96
C GLN B 200 -10.19 -9.18 -37.79
N SER B 201 -9.32 -8.18 -37.68
CA SER B 201 -8.24 -8.18 -36.71
C SER B 201 -8.33 -7.01 -35.76
N TRP B 202 -7.74 -7.21 -34.58
CA TRP B 202 -7.45 -6.14 -33.63
C TRP B 202 -7.02 -4.87 -34.35
N PRO B 203 -7.89 -3.85 -34.38
CA PRO B 203 -7.73 -2.69 -35.25
C PRO B 203 -6.75 -1.62 -34.75
N GLU B 204 -6.15 -0.93 -35.71
CA GLU B 204 -5.27 0.23 -35.49
C GLU B 204 -5.75 1.18 -34.39
N SER B 205 -7.05 1.45 -34.34
CA SER B 205 -7.62 2.36 -33.34
C SER B 205 -7.44 1.86 -31.90
N LEU B 206 -7.42 0.54 -31.73
CA LEU B 206 -7.13 -0.04 -30.42
C LEU B 206 -5.64 -0.07 -30.11
N VAL B 207 -4.80 -0.15 -31.15
CA VAL B 207 -3.37 0.03 -30.96
C VAL B 207 -3.11 1.44 -30.41
N GLN B 208 -3.73 2.44 -31.03
CA GLN B 208 -3.65 3.83 -30.59
C GLN B 208 -4.01 3.98 -29.12
N LYS B 209 -5.13 3.39 -28.75
CA LYS B 209 -5.70 3.48 -27.42
C LYS B 209 -4.86 2.73 -26.36
N THR B 210 -4.54 1.47 -26.67
CA THR B 210 -3.97 0.54 -25.68
C THR B 210 -2.46 0.43 -25.71
N GLY B 211 -1.85 0.67 -26.87
CA GLY B 211 -0.42 0.44 -27.03
C GLY B 211 -0.10 -1.01 -27.40
N TYR B 212 -1.12 -1.86 -27.39
CA TYR B 212 -0.94 -3.26 -27.71
C TYR B 212 -0.99 -3.51 -29.21
N THR B 213 -0.24 -4.51 -29.66
CA THR B 213 -0.30 -5.00 -31.03
C THR B 213 -0.50 -6.52 -30.98
N LEU B 214 -0.77 -7.13 -32.14
CA LEU B 214 -0.81 -8.59 -32.21
C LEU B 214 0.50 -9.21 -31.72
N GLU B 215 1.60 -8.49 -31.89
CA GLU B 215 2.89 -9.01 -31.46
C GLU B 215 2.99 -9.14 -29.93
N THR B 216 2.50 -8.12 -29.22
CA THR B 216 2.54 -8.16 -27.75
C THR B 216 1.42 -9.04 -27.17
N LEU B 217 0.32 -9.16 -27.91
CA LEU B 217 -0.81 -10.00 -27.50
C LEU B 217 -0.60 -11.49 -27.80
N LYS B 218 0.28 -11.78 -28.75
CA LYS B 218 0.54 -13.14 -29.22
C LYS B 218 0.61 -14.20 -28.10
N PRO B 219 1.49 -14.00 -27.09
CA PRO B 219 1.58 -15.03 -26.04
C PRO B 219 0.23 -15.39 -25.41
N CYS B 220 -0.52 -14.37 -24.99
CA CYS B 220 -1.86 -14.57 -24.43
C CYS B 220 -2.82 -15.09 -25.50
N LEU B 221 -2.70 -14.55 -26.71
CA LEU B 221 -3.56 -14.94 -27.82
C LEU B 221 -3.38 -16.39 -28.21
N LEU B 222 -2.17 -16.91 -28.03
CA LEU B 222 -1.93 -18.33 -28.26
C LEU B 222 -2.57 -19.20 -27.16
N ASP B 223 -2.45 -18.77 -25.90
CA ASP B 223 -3.03 -19.52 -24.78
C ASP B 223 -4.54 -19.56 -24.85
N LEU B 224 -5.14 -18.41 -25.16
CA LEU B 224 -6.58 -18.29 -25.26
C LEU B 224 -7.15 -19.10 -26.43
N HIS B 225 -6.49 -19.03 -27.58
CA HIS B 225 -6.88 -19.82 -28.74
C HIS B 225 -6.96 -21.31 -28.40
N GLN B 226 -6.00 -21.79 -27.61
CA GLN B 226 -6.01 -23.18 -27.18
C GLN B 226 -7.19 -23.45 -26.26
N THR B 227 -7.36 -22.59 -25.25
CA THR B 227 -8.48 -22.74 -24.32
C THR B 227 -9.81 -22.85 -25.08
N TYR B 228 -9.98 -21.97 -26.07
CA TYR B 228 -11.14 -22.01 -26.96
C TYR B 228 -11.30 -23.38 -27.65
N LEU B 229 -10.23 -23.86 -28.28
CA LEU B 229 -10.30 -25.14 -28.97
C LEU B 229 -10.60 -26.31 -28.02
N ARG B 230 -10.11 -26.20 -26.79
CA ARG B 230 -10.20 -27.27 -25.80
C ARG B 230 -11.45 -27.17 -24.94
N ALA B 231 -12.19 -26.06 -25.07
CA ALA B 231 -13.33 -25.78 -24.19
C ALA B 231 -14.34 -26.91 -24.09
N PRO B 232 -14.81 -27.47 -25.23
CA PRO B 232 -15.77 -28.58 -25.16
C PRO B 232 -15.34 -29.75 -24.26
N GLN B 233 -14.04 -29.90 -24.01
CA GLN B 233 -13.50 -31.03 -23.25
C GLN B 233 -13.09 -30.68 -21.83
N HIS B 234 -12.97 -29.39 -21.54
CA HIS B 234 -12.61 -28.91 -20.21
C HIS B 234 -13.54 -29.51 -19.16
N ALA B 235 -12.97 -30.00 -18.07
CA ALA B 235 -13.73 -30.61 -16.97
C ALA B 235 -14.91 -29.75 -16.47
N GLN B 236 -14.70 -28.44 -16.38
CA GLN B 236 -15.75 -27.49 -16.00
C GLN B 236 -16.49 -26.99 -17.23
N GLN B 237 -17.82 -26.97 -17.18
CA GLN B 237 -18.63 -26.66 -18.37
C GLN B 237 -19.74 -25.61 -18.18
N SER B 238 -19.77 -24.95 -17.02
CA SER B 238 -20.84 -24.00 -16.71
C SER B 238 -20.93 -22.77 -17.61
N ILE B 239 -19.76 -22.28 -18.05
CA ILE B 239 -19.68 -21.09 -18.91
C ILE B 239 -20.23 -21.38 -20.31
N ARG B 240 -19.82 -22.51 -20.91
CA ARG B 240 -20.37 -22.94 -22.19
C ARG B 240 -21.89 -23.07 -22.11
N GLU B 241 -22.38 -23.79 -21.10
CA GLU B 241 -23.82 -23.96 -20.89
C GLU B 241 -24.48 -22.58 -20.84
N LYS B 242 -23.91 -21.70 -20.03
CA LYS B 242 -24.39 -20.35 -19.84
C LYS B 242 -24.46 -19.61 -21.18
N TYR B 243 -23.40 -19.73 -21.98
CA TYR B 243 -23.30 -18.98 -23.22
C TYR B 243 -23.97 -19.64 -24.44
N LYS B 244 -24.79 -20.67 -24.15
CA LYS B 244 -25.72 -21.23 -25.15
C LYS B 244 -26.98 -20.38 -25.20
N ASN B 245 -27.23 -19.64 -24.12
CA ASN B 245 -28.44 -18.83 -23.99
C ASN B 245 -28.57 -17.77 -25.07
N SER B 246 -29.80 -17.53 -25.51
CA SER B 246 -30.09 -16.46 -26.46
C SER B 246 -29.58 -15.13 -25.95
N LYS B 247 -29.64 -14.95 -24.63
CA LYS B 247 -29.18 -13.75 -23.96
C LYS B 247 -27.80 -13.34 -24.45
N TYR B 248 -26.97 -14.35 -24.72
CA TYR B 248 -25.60 -14.15 -25.22
C TYR B 248 -25.42 -14.73 -26.62
N HIS B 249 -26.53 -14.85 -27.35
CA HIS B 249 -26.53 -15.16 -28.79
C HIS B 249 -25.97 -16.54 -29.13
N GLY B 250 -26.03 -17.43 -28.14
CA GLY B 250 -25.57 -18.81 -28.28
C GLY B 250 -24.15 -18.93 -28.82
N VAL B 251 -23.29 -17.98 -28.46
CA VAL B 251 -21.96 -17.91 -29.03
C VAL B 251 -21.08 -19.12 -28.72
N SER B 252 -21.38 -19.85 -27.63
CA SER B 252 -20.56 -20.98 -27.22
C SER B 252 -20.72 -22.16 -28.17
N LEU B 253 -21.65 -22.01 -29.12
CA LEU B 253 -21.91 -23.02 -30.15
C LEU B 253 -21.12 -22.76 -31.44
N LEU B 254 -20.58 -21.54 -31.57
CA LEU B 254 -19.73 -21.17 -32.68
C LEU B 254 -18.43 -21.96 -32.67
N ASN B 255 -17.97 -22.36 -33.86
CA ASN B 255 -16.74 -23.11 -33.99
C ASN B 255 -15.51 -22.20 -33.94
N PRO B 256 -14.57 -22.50 -33.04
CA PRO B 256 -13.31 -21.76 -32.97
C PRO B 256 -12.50 -21.94 -34.26
N PRO B 257 -11.73 -20.90 -34.67
CA PRO B 257 -10.90 -20.97 -35.87
C PRO B 257 -9.75 -21.97 -35.73
N GLU B 258 -9.02 -22.23 -36.81
CA GLU B 258 -8.21 -23.46 -36.87
C GLU B 258 -6.84 -23.53 -36.14
N THR B 259 -5.82 -22.67 -36.30
CA THR B 259 -5.54 -21.51 -37.22
C THR B 259 -5.96 -20.07 -36.86
N LEU B 260 -4.97 -19.32 -36.38
CA LEU B 260 -5.10 -17.88 -36.15
C LEU B 260 -4.41 -17.08 -37.24
N ASN B 261 -3.49 -17.73 -37.94
CA ASN B 261 -2.64 -17.13 -38.96
C ASN B 261 -1.94 -15.90 -38.41
N VAL B 262 -1.37 -16.08 -37.22
CA VAL B 262 -0.74 -14.98 -36.50
C VAL B 262 0.76 -14.99 -36.71
N SER C 1 -10.08 -8.60 17.28
CA SER C 1 -8.69 -8.67 16.72
C SER C 1 -8.19 -10.11 16.60
N MET C 2 -8.23 -10.83 17.73
CA MET C 2 -7.75 -12.21 17.82
C MET C 2 -8.91 -13.20 17.92
N GLU C 3 -10.12 -12.68 17.70
CA GLU C 3 -11.36 -13.47 17.70
C GLU C 3 -11.27 -14.67 16.76
N ASN C 4 -10.63 -14.47 15.61
CA ASN C 4 -10.51 -15.51 14.59
C ASN C 4 -9.59 -16.66 14.97
N PHE C 5 -8.57 -16.36 15.77
CA PHE C 5 -7.56 -17.35 16.13
C PHE C 5 -7.94 -18.15 17.38
N GLN C 6 -7.59 -19.44 17.34
CA GLN C 6 -7.85 -20.37 18.43
C GLN C 6 -6.54 -21.01 18.90
N LYS C 7 -6.15 -20.74 20.15
CA LYS C 7 -4.94 -21.32 20.75
C LYS C 7 -5.06 -22.84 20.87
N VAL C 8 -3.98 -23.54 20.54
CA VAL C 8 -3.96 -25.01 20.60
C VAL C 8 -3.04 -25.50 21.71
N GLU C 9 -1.80 -25.01 21.70
CA GLU C 9 -0.79 -25.39 22.67
C GLU C 9 0.25 -24.28 22.76
N LYS C 10 1.04 -24.30 23.84
CA LYS C 10 2.16 -23.40 24.01
C LYS C 10 3.36 -24.01 23.29
N ILE C 11 4.03 -23.21 22.46
CA ILE C 11 5.18 -23.71 21.72
C ILE C 11 6.46 -23.46 22.53
N GLY C 12 6.50 -22.31 23.21
CA GLY C 12 7.65 -21.98 24.05
C GLY C 12 7.96 -20.50 24.07
N GLU C 13 9.22 -20.18 24.41
CA GLU C 13 9.64 -18.81 24.60
C GLU C 13 10.96 -18.50 23.89
N GLY C 14 10.91 -17.58 22.94
CA GLY C 14 12.08 -17.18 22.19
C GLY C 14 12.90 -16.14 22.94
N THR C 15 13.65 -15.34 22.18
CA THR C 15 14.48 -14.30 22.78
C THR C 15 13.59 -13.28 23.50
N TYR C 16 12.39 -13.08 22.98
CA TYR C 16 11.35 -12.28 23.65
C TYR C 16 9.96 -12.84 23.39
N GLY C 17 9.01 -12.51 24.26
CA GLY C 17 7.61 -12.87 24.07
C GLY C 17 7.30 -14.35 24.26
N VAL C 18 6.07 -14.75 23.94
CA VAL C 18 5.62 -16.14 24.07
C VAL C 18 4.96 -16.66 22.78
N VAL C 19 5.31 -17.88 22.38
CA VAL C 19 4.81 -18.44 21.13
C VAL C 19 3.77 -19.54 21.32
N TYR C 20 2.68 -19.45 20.55
CA TYR C 20 1.60 -20.42 20.60
C TYR C 20 1.30 -21.01 19.23
N LYS C 21 0.94 -22.29 19.21
CA LYS C 21 0.32 -22.88 18.04
C LYS C 21 -1.14 -22.46 18.08
N ALA C 22 -1.65 -22.04 16.93
CA ALA C 22 -3.01 -21.56 16.83
C ALA C 22 -3.62 -21.85 15.48
N ARG C 23 -4.95 -21.84 15.40
CA ARG C 23 -5.61 -22.06 14.13
C ARG C 23 -6.58 -20.94 13.78
N ASN C 24 -6.52 -20.50 12.53
CA ASN C 24 -7.46 -19.53 12.04
C ASN C 24 -8.74 -20.30 11.84
N LYS C 25 -9.75 -19.95 12.62
CA LYS C 25 -11.03 -20.65 12.56
C LYS C 25 -11.73 -20.51 11.21
N LEU C 26 -11.42 -19.43 10.50
CA LEU C 26 -12.05 -19.13 9.22
C LEU C 26 -11.37 -19.78 8.02
N THR C 27 -10.04 -19.75 7.98
CA THR C 27 -9.30 -20.28 6.84
C THR C 27 -8.80 -21.68 7.08
N GLY C 28 -8.68 -22.08 8.34
CA GLY C 28 -8.14 -23.38 8.70
C GLY C 28 -6.63 -23.43 8.84
N GLU C 29 -5.98 -22.31 8.52
CA GLU C 29 -4.52 -22.21 8.56
C GLU C 29 -3.97 -22.33 9.97
N VAL C 30 -2.93 -23.15 10.12
CA VAL C 30 -2.23 -23.28 11.39
C VAL C 30 -1.08 -22.29 11.41
N VAL C 31 -1.07 -21.45 12.44
CA VAL C 31 -0.06 -20.41 12.58
C VAL C 31 0.68 -20.54 13.91
N ALA C 32 1.73 -19.75 14.07
CA ALA C 32 2.36 -19.58 15.36
C ALA C 32 2.27 -18.10 15.73
N LEU C 33 1.76 -17.83 16.93
CA LEU C 33 1.60 -16.46 17.39
C LEU C 33 2.69 -16.15 18.39
N LYS C 34 3.49 -15.14 18.08
CA LYS C 34 4.44 -14.59 19.03
C LYS C 34 3.76 -13.44 19.78
N LYS C 35 3.42 -13.67 21.04
CA LYS C 35 2.71 -12.71 21.88
C LYS C 35 3.69 -11.83 22.64
N ILE C 36 3.55 -10.51 22.52
CA ILE C 36 4.44 -9.52 23.16
C ILE C 36 3.64 -8.54 24.01
N ARG C 37 3.92 -8.54 25.31
CA ARG C 37 3.26 -7.61 26.21
C ARG C 37 3.97 -6.26 26.26
N LEU C 38 3.17 -5.20 26.31
CA LEU C 38 3.63 -3.83 26.51
C LEU C 38 2.81 -3.29 27.69
N ASP C 39 3.41 -2.66 28.72
CA ASP C 39 4.75 -2.07 28.84
C ASP C 39 4.58 -0.57 28.61
N THR C 40 3.39 -0.13 28.91
CA THR C 40 2.92 1.17 28.63
C THR C 40 3.15 2.29 29.58
N GLU C 41 3.60 1.96 30.76
CA GLU C 41 3.78 2.92 31.78
C GLU C 41 5.22 3.17 31.97
N THR C 42 5.96 2.17 31.60
CA THR C 42 7.39 2.18 31.38
C THR C 42 7.22 2.29 29.86
N GLU C 43 7.96 1.73 28.91
CA GLU C 43 9.38 1.55 28.60
C GLU C 43 9.22 1.27 27.11
N GLY C 44 7.98 0.95 26.75
CA GLY C 44 7.50 0.95 25.38
C GLY C 44 7.55 -0.41 24.69
N VAL C 45 7.56 -0.35 23.36
CA VAL C 45 7.70 -1.52 22.53
C VAL C 45 9.17 -1.88 22.57
N PRO C 46 9.49 -3.14 22.96
CA PRO C 46 10.89 -3.57 23.03
C PRO C 46 11.60 -3.54 21.68
N SER C 47 12.86 -3.12 21.72
CA SER C 47 13.69 -3.00 20.53
C SER C 47 13.87 -4.33 19.81
N THR C 48 13.76 -5.44 20.53
CA THR C 48 13.80 -6.78 19.94
C THR C 48 12.63 -6.99 18.98
N ALA C 49 11.45 -6.52 19.39
CA ALA C 49 10.26 -6.62 18.58
C ALA C 49 10.39 -5.73 17.35
N ILE C 50 10.73 -4.46 17.60
CA ILE C 50 10.91 -3.46 16.56
C ILE C 50 11.86 -3.96 15.46
N ARG C 51 12.98 -4.55 15.87
CA ARG C 51 13.96 -5.07 14.94
C ARG C 51 13.45 -6.31 14.19
N GLU C 52 12.93 -7.30 14.92
CA GLU C 52 12.44 -8.52 14.27
C GLU C 52 11.38 -8.18 13.24
N ILE C 53 10.42 -7.34 13.63
CA ILE C 53 9.31 -6.98 12.76
C ILE C 53 9.79 -6.17 11.55
N SER C 54 10.57 -5.11 11.79
CA SER C 54 11.04 -4.28 10.68
C SER C 54 11.84 -5.08 9.67
N LEU C 55 12.68 -5.98 10.17
CA LEU C 55 13.57 -6.74 9.31
C LEU C 55 12.85 -7.86 8.58
N LEU C 56 12.03 -8.61 9.31
CA LEU C 56 11.33 -9.77 8.75
C LEU C 56 10.26 -9.39 7.71
N LYS C 57 9.76 -8.16 7.80
CA LYS C 57 8.88 -7.61 6.78
C LYS C 57 9.63 -7.44 5.47
N GLU C 58 10.90 -7.02 5.56
CA GLU C 58 11.76 -6.87 4.40
C GLU C 58 12.16 -8.21 3.80
N LEU C 59 12.69 -9.08 4.65
CA LEU C 59 13.27 -10.36 4.22
C LEU C 59 12.20 -11.38 3.85
N ASN C 60 12.08 -11.66 2.55
CA ASN C 60 11.12 -12.62 2.05
C ASN C 60 11.84 -13.70 1.24
N HIS C 61 12.04 -14.86 1.85
CA HIS C 61 12.83 -15.94 1.29
C HIS C 61 12.27 -17.29 1.75
N PRO C 62 12.27 -18.30 0.87
CA PRO C 62 11.89 -19.67 1.25
C PRO C 62 12.59 -20.24 2.49
N ASN C 63 13.78 -19.76 2.83
CA ASN C 63 14.51 -20.30 4.00
C ASN C 63 14.58 -19.36 5.19
N ILE C 64 13.71 -18.35 5.18
CA ILE C 64 13.53 -17.46 6.31
C ILE C 64 12.06 -17.53 6.70
N VAL C 65 11.79 -17.75 7.99
CA VAL C 65 10.43 -17.91 8.50
C VAL C 65 9.55 -16.72 8.09
N LYS C 66 8.31 -17.01 7.71
CA LYS C 66 7.47 -15.98 7.13
C LYS C 66 6.59 -15.31 8.17
N LEU C 67 6.74 -13.99 8.28
CA LEU C 67 5.88 -13.17 9.12
C LEU C 67 4.64 -12.80 8.32
N LEU C 68 3.48 -13.24 8.82
CA LEU C 68 2.23 -13.12 8.08
C LEU C 68 1.48 -11.83 8.39
N ASP C 69 1.39 -11.51 9.67
CA ASP C 69 0.62 -10.36 10.11
C ASP C 69 1.18 -9.80 11.42
N VAL C 70 0.92 -8.52 11.65
CA VAL C 70 1.23 -7.86 12.92
C VAL C 70 -0.09 -7.31 13.44
N ILE C 71 -0.54 -7.81 14.58
CA ILE C 71 -1.82 -7.37 15.18
C ILE C 71 -1.61 -6.58 16.47
N HIS C 72 -2.06 -5.33 16.45
CA HIS C 72 -1.89 -4.38 17.55
C HIS C 72 -3.04 -4.45 18.53
N THR C 73 -2.75 -4.15 19.79
CA THR C 73 -3.75 -3.68 20.74
C THR C 73 -3.04 -2.57 21.52
N GLU C 74 -3.70 -2.01 22.52
CA GLU C 74 -3.06 -1.02 23.39
C GLU C 74 -2.01 -1.63 24.31
N ASN C 75 -2.23 -2.89 24.69
CA ASN C 75 -1.37 -3.56 25.66
C ASN C 75 -0.64 -4.82 25.15
N LYS C 76 -1.13 -5.40 24.07
CA LYS C 76 -0.54 -6.64 23.53
C LYS C 76 -0.16 -6.49 22.05
N LEU C 77 0.97 -7.05 21.67
CA LEU C 77 1.36 -7.12 20.26
C LEU C 77 1.52 -8.58 19.84
N TYR C 78 0.77 -8.97 18.81
CA TYR C 78 0.75 -10.35 18.34
C TYR C 78 1.35 -10.44 16.95
N LEU C 79 2.49 -11.11 16.84
CA LEU C 79 3.04 -11.42 15.54
C LEU C 79 2.46 -12.74 15.05
N VAL C 80 1.92 -12.74 13.83
CA VAL C 80 1.39 -13.96 13.24
C VAL C 80 2.42 -14.54 12.28
N PHE C 81 2.87 -15.77 12.57
CA PHE C 81 3.90 -16.46 11.78
C PHE C 81 3.35 -17.71 11.10
N GLU C 82 4.02 -18.14 10.03
CA GLU C 82 3.73 -19.47 9.50
C GLU C 82 4.20 -20.48 10.55
N PHE C 83 3.43 -21.53 10.74
CA PHE C 83 3.79 -22.61 11.64
C PHE C 83 4.74 -23.61 10.96
N LEU C 84 5.78 -24.01 11.68
CA LEU C 84 6.62 -25.12 11.26
C LEU C 84 6.59 -26.20 12.33
N HIS C 85 6.68 -27.45 11.89
CA HIS C 85 6.29 -28.60 12.71
C HIS C 85 7.26 -28.95 13.83
N GLN C 86 8.57 -28.76 13.59
CA GLN C 86 9.54 -28.71 14.68
C GLN C 86 10.88 -28.01 14.36
N ASP C 87 11.74 -27.93 15.38
CA ASP C 87 13.04 -27.28 15.28
C ASP C 87 14.17 -28.29 15.17
N LEU C 88 15.30 -27.84 14.63
CA LEU C 88 16.45 -28.69 14.42
C LEU C 88 16.92 -29.36 15.71
N LYS C 89 16.81 -28.67 16.84
CA LYS C 89 17.26 -29.25 18.11
C LYS C 89 16.49 -30.51 18.51
N LYS C 90 15.17 -30.44 18.46
CA LYS C 90 14.32 -31.61 18.76
C LYS C 90 14.49 -32.71 17.73
N PHE C 91 14.73 -32.31 16.48
CA PHE C 91 14.97 -33.27 15.40
C PHE C 91 16.27 -34.03 15.60
N MET C 92 17.31 -33.32 16.00
CA MET C 92 18.60 -33.94 16.28
C MET C 92 18.50 -34.87 17.47
N ASP C 93 17.81 -34.42 18.52
CA ASP C 93 17.59 -35.25 19.71
C ASP C 93 16.78 -36.46 19.36
N ALA C 94 15.79 -36.29 18.50
CA ALA C 94 14.96 -37.38 18.02
C ALA C 94 15.77 -38.35 17.16
N SER C 95 16.87 -37.83 16.60
CA SER C 95 17.74 -38.61 15.72
C SER C 95 19.08 -38.98 16.36
N ALA C 96 19.12 -39.01 17.70
CA ALA C 96 20.35 -39.32 18.42
C ALA C 96 20.86 -40.74 18.13
N LEU C 97 19.96 -41.70 18.04
CA LEU C 97 20.36 -43.09 17.82
C LEU C 97 20.42 -43.46 16.34
N THR C 98 19.42 -43.04 15.57
CA THR C 98 19.30 -43.42 14.16
C THR C 98 20.35 -42.74 13.27
N GLY C 99 20.69 -41.50 13.60
CA GLY C 99 21.48 -40.65 12.72
C GLY C 99 20.57 -39.87 11.81
N ILE C 100 21.10 -38.79 11.24
CA ILE C 100 20.41 -38.04 10.19
C ILE C 100 21.07 -38.42 8.87
N PRO C 101 20.28 -38.86 7.88
CA PRO C 101 20.85 -39.22 6.58
C PRO C 101 21.65 -38.05 5.99
N LEU C 102 22.78 -38.37 5.37
CA LEU C 102 23.67 -37.34 4.85
C LEU C 102 23.02 -36.43 3.80
N PRO C 103 22.33 -37.00 2.79
CA PRO C 103 21.69 -36.10 1.83
C PRO C 103 20.70 -35.12 2.47
N LEU C 104 20.11 -35.49 3.60
CA LEU C 104 19.30 -34.53 4.35
C LEU C 104 20.17 -33.44 4.99
N ILE C 105 21.30 -33.84 5.57
CA ILE C 105 22.22 -32.89 6.20
C ILE C 105 22.67 -31.85 5.16
N LYS C 106 23.10 -32.36 4.01
CA LYS C 106 23.54 -31.54 2.87
C LYS C 106 22.46 -30.52 2.49
N SER C 107 21.23 -31.02 2.32
CA SER C 107 20.08 -30.18 2.02
C SER C 107 19.89 -29.09 3.06
N TYR C 108 19.87 -29.47 4.34
CA TYR C 108 19.64 -28.49 5.41
C TYR C 108 20.70 -27.42 5.45
N LEU C 109 21.97 -27.82 5.32
CA LEU C 109 23.06 -26.85 5.24
C LEU C 109 22.91 -25.95 4.02
N PHE C 110 22.62 -26.55 2.86
CA PHE C 110 22.42 -25.80 1.63
C PHE C 110 21.36 -24.72 1.82
N GLN C 111 20.24 -25.10 2.43
CA GLN C 111 19.14 -24.18 2.63
C GLN C 111 19.50 -23.11 3.64
N LEU C 112 20.11 -23.53 4.76
CA LEU C 112 20.51 -22.60 5.82
C LEU C 112 21.45 -21.53 5.27
N LEU C 113 22.35 -21.96 4.38
CA LEU C 113 23.27 -21.04 3.75
C LEU C 113 22.55 -20.08 2.79
N GLN C 114 21.57 -20.62 2.05
CA GLN C 114 20.77 -19.82 1.11
C GLN C 114 19.99 -18.75 1.85
N GLY C 115 19.36 -19.13 2.95
CA GLY C 115 18.65 -18.21 3.83
C GLY C 115 19.60 -17.18 4.42
N LEU C 116 20.73 -17.63 4.93
CA LEU C 116 21.70 -16.74 5.57
C LEU C 116 22.36 -15.78 4.56
N ALA C 117 22.62 -16.27 3.35
CA ALA C 117 23.20 -15.46 2.28
C ALA C 117 22.23 -14.34 1.94
N PHE C 118 20.94 -14.67 1.90
CA PHE C 118 19.90 -13.67 1.70
C PHE C 118 19.86 -12.64 2.84
N CYS C 119 20.09 -13.09 4.07
CA CYS C 119 20.21 -12.14 5.17
C CYS C 119 21.40 -11.21 4.91
N HIS C 120 22.57 -11.79 4.71
CA HIS C 120 23.78 -11.00 4.49
C HIS C 120 23.69 -10.11 3.25
N SER C 121 23.00 -10.58 2.21
CA SER C 121 22.77 -9.79 0.99
C SER C 121 21.97 -8.52 1.29
N HIS C 122 21.29 -8.50 2.42
CA HIS C 122 20.38 -7.41 2.75
C HIS C 122 20.75 -6.74 4.06
N ARG C 123 22.05 -6.64 4.30
CA ARG C 123 22.65 -6.02 5.50
C ARG C 123 22.03 -6.44 6.85
N VAL C 124 21.71 -7.73 6.99
CA VAL C 124 21.17 -8.25 8.24
C VAL C 124 22.01 -9.38 8.84
N LEU C 125 22.55 -9.13 10.03
CA LEU C 125 23.13 -10.18 10.85
C LEU C 125 22.02 -10.83 11.67
N HIS C 126 22.05 -12.16 11.80
CA HIS C 126 21.07 -12.87 12.61
C HIS C 126 21.53 -12.90 14.07
N ARG C 127 22.78 -13.31 14.27
CA ARG C 127 23.46 -13.25 15.58
C ARG C 127 22.93 -14.22 16.63
N ASP C 128 22.02 -15.10 16.25
CA ASP C 128 21.51 -16.09 17.18
C ASP C 128 21.15 -17.40 16.51
N LEU C 129 22.03 -17.87 15.63
CA LEU C 129 21.80 -19.15 14.98
C LEU C 129 22.19 -20.29 15.92
N LYS C 130 21.16 -20.94 16.45
CA LYS C 130 21.31 -22.17 17.20
C LYS C 130 20.22 -23.09 16.66
N PRO C 131 20.36 -24.41 16.86
CA PRO C 131 19.37 -25.30 16.26
C PRO C 131 17.93 -25.04 16.69
N GLN C 132 17.75 -24.40 17.85
CA GLN C 132 16.42 -24.06 18.37
C GLN C 132 15.74 -22.99 17.51
N ASN C 133 16.54 -22.16 16.85
CA ASN C 133 15.99 -21.12 15.99
C ASN C 133 15.96 -21.52 14.52
N LEU C 134 16.15 -22.81 14.24
CA LEU C 134 16.09 -23.31 12.87
C LEU C 134 14.94 -24.29 12.74
N LEU C 135 13.96 -23.96 11.91
CA LEU C 135 12.70 -24.70 11.87
C LEU C 135 12.52 -25.54 10.63
N ILE C 136 12.02 -26.75 10.83
CA ILE C 136 11.82 -27.68 9.72
C ILE C 136 10.36 -28.07 9.57
N ASN C 137 9.96 -28.30 8.32
CA ASN C 137 8.64 -28.87 8.02
C ASN C 137 8.76 -30.30 7.46
N THR C 138 7.62 -30.87 7.10
CA THR C 138 7.55 -32.25 6.64
C THR C 138 7.81 -32.38 5.13
N GLU C 139 7.70 -31.26 4.43
CA GLU C 139 7.99 -31.17 3.00
C GLU C 139 9.48 -31.32 2.71
N GLY C 140 10.32 -30.83 3.63
CA GLY C 140 11.77 -30.94 3.53
C GLY C 140 12.54 -29.65 3.70
N ALA C 141 11.85 -28.59 4.09
CA ALA C 141 12.46 -27.26 4.20
C ALA C 141 12.98 -26.99 5.60
N ILE C 142 14.01 -26.16 5.69
CA ILE C 142 14.51 -25.62 6.97
C ILE C 142 14.57 -24.09 6.88
N LYS C 143 14.19 -23.41 7.95
CA LYS C 143 14.12 -21.95 7.92
C LYS C 143 14.79 -21.30 9.13
N LEU C 144 15.36 -20.12 8.93
CA LEU C 144 15.88 -19.31 10.02
C LEU C 144 14.72 -18.64 10.73
N ALA C 145 14.70 -18.73 12.06
CA ALA C 145 13.65 -18.11 12.86
C ALA C 145 14.25 -17.24 13.95
N ASP C 146 13.38 -16.61 14.73
CA ASP C 146 13.74 -15.66 15.79
C ASP C 146 14.81 -14.65 15.40
N PHE C 147 14.36 -13.52 14.86
CA PHE C 147 15.26 -12.42 14.52
C PHE C 147 15.27 -11.37 15.63
N GLY C 148 14.90 -11.80 16.84
CA GLY C 148 14.87 -10.93 17.99
C GLY C 148 16.21 -10.33 18.32
N LEU C 149 17.28 -11.08 18.08
CA LEU C 149 18.62 -10.59 18.32
C LEU C 149 19.33 -10.09 17.07
N ALA C 150 18.59 -10.02 15.96
CA ALA C 150 19.14 -9.55 14.70
C ALA C 150 19.45 -8.06 14.71
N ARG C 151 20.29 -7.65 13.77
CA ARG C 151 20.67 -6.25 13.58
C ARG C 151 20.92 -5.93 12.10
N ALA C 152 20.50 -4.74 11.68
CA ALA C 152 20.79 -4.26 10.34
C ALA C 152 22.12 -3.52 10.38
N PHE C 153 23.14 -4.13 9.78
CA PHE C 153 24.48 -3.52 9.81
C PHE C 153 24.72 -2.51 8.68
N GLY C 154 25.83 -1.78 8.78
CA GLY C 154 26.27 -0.86 7.74
C GLY C 154 27.62 -1.32 7.16
N VAL C 155 28.02 -0.67 6.06
CA VAL C 155 29.25 -1.02 5.36
C VAL C 155 30.21 0.18 5.32
N PRO C 156 31.31 0.12 6.08
CA PRO C 156 31.73 -1.01 6.91
C PRO C 156 30.99 -1.06 8.26
N VAL C 157 31.04 -2.23 8.90
CA VAL C 157 30.42 -2.41 10.22
C VAL C 157 31.03 -1.47 11.25
N ARG C 158 30.32 -1.25 12.34
CA ARG C 158 30.90 -0.62 13.53
C ARG C 158 30.66 -1.50 14.76
N THR C 159 31.14 -1.05 15.92
CA THR C 159 30.94 -1.77 17.17
C THR C 159 29.46 -2.00 17.40
N TYR C 160 29.10 -3.27 17.53
CA TYR C 160 27.73 -3.66 17.86
C TYR C 160 27.66 -4.27 19.28
N TPO C 161 26.51 -4.80 19.65
CA TPO C 161 26.32 -5.36 21.00
CB TPO C 161 24.85 -5.72 21.21
CG2 TPO C 161 24.56 -6.17 22.63
OG1 TPO C 161 24.02 -4.59 20.91
P TPO C 161 23.12 -4.54 19.57
O1P TPO C 161 22.40 -3.22 19.70
O2P TPO C 161 24.10 -4.60 18.43
O3P TPO C 161 22.19 -5.72 19.67
C TPO C 161 27.20 -6.56 21.18
O TPO C 161 27.30 -7.39 20.28
N HIS C 162 27.86 -6.65 22.33
CA HIS C 162 28.75 -7.78 22.60
C HIS C 162 27.97 -9.03 23.04
N GLU C 163 27.10 -8.85 24.03
CA GLU C 163 26.31 -9.94 24.62
C GLU C 163 25.35 -10.49 23.59
N VAL C 164 25.87 -11.30 22.64
CA VAL C 164 25.17 -11.42 21.37
C VAL C 164 24.70 -12.78 20.83
N VAL C 165 25.56 -13.80 20.80
CA VAL C 165 25.10 -15.17 20.44
C VAL C 165 25.35 -16.16 21.57
N THR C 166 24.47 -17.15 21.74
CA THR C 166 24.60 -18.09 22.84
C THR C 166 25.99 -18.78 22.84
N LEU C 167 26.55 -18.97 24.04
CA LEU C 167 27.94 -19.42 24.21
C LEU C 167 28.44 -20.46 23.20
N TRP C 168 27.74 -21.58 23.09
CA TRP C 168 28.17 -22.72 22.29
C TRP C 168 28.36 -22.40 20.80
N TYR C 169 27.70 -21.36 20.33
CA TYR C 169 27.68 -21.04 18.91
C TYR C 169 28.39 -19.73 18.62
N ARG C 170 29.05 -19.21 19.64
CA ARG C 170 29.74 -17.92 19.58
C ARG C 170 31.08 -18.05 18.88
N ALA C 171 31.35 -17.13 17.96
CA ALA C 171 32.61 -17.08 17.22
C ALA C 171 33.74 -16.53 18.07
N PRO C 172 34.98 -16.96 17.79
CA PRO C 172 36.12 -16.52 18.58
C PRO C 172 36.28 -15.00 18.67
N GLU C 173 35.97 -14.28 17.60
CA GLU C 173 36.11 -12.81 17.62
C GLU C 173 35.13 -12.12 18.58
N ILE C 174 34.02 -12.79 18.90
CA ILE C 174 33.10 -12.29 19.90
C ILE C 174 33.59 -12.68 21.28
N LEU C 175 34.12 -13.89 21.39
CA LEU C 175 34.61 -14.42 22.66
C LEU C 175 35.77 -13.63 23.21
N LEU C 176 36.64 -13.19 22.31
CA LEU C 176 37.83 -12.42 22.70
C LEU C 176 37.58 -10.92 22.68
N GLY C 177 36.35 -10.53 22.38
CA GLY C 177 35.92 -9.14 22.45
C GLY C 177 36.58 -8.17 21.49
N CYS C 178 36.77 -8.61 20.24
CA CYS C 178 37.25 -7.75 19.15
C CYS C 178 36.22 -6.65 18.85
N LYS C 179 36.68 -5.40 18.81
CA LYS C 179 35.79 -4.24 18.67
C LYS C 179 34.84 -4.33 17.45
N TYR C 180 35.31 -4.93 16.36
CA TYR C 180 34.45 -5.17 15.21
C TYR C 180 34.19 -6.66 15.02
N TYR C 181 32.95 -6.98 14.64
CA TYR C 181 32.57 -8.30 14.14
C TYR C 181 31.52 -8.17 13.04
N SER C 182 31.42 -9.20 12.19
CA SER C 182 30.67 -9.09 10.94
C SER C 182 29.94 -10.40 10.57
N THR C 183 29.68 -10.58 9.26
CA THR C 183 28.91 -11.71 8.74
C THR C 183 29.53 -13.06 9.08
N ALA C 184 30.83 -13.04 9.39
CA ALA C 184 31.57 -14.25 9.73
C ALA C 184 30.99 -14.96 10.95
N VAL C 185 30.46 -14.19 11.91
CA VAL C 185 29.91 -14.72 13.15
C VAL C 185 28.73 -15.65 12.88
N ASP C 186 27.96 -15.33 11.86
CA ASP C 186 26.85 -16.18 11.46
C ASP C 186 27.37 -17.46 10.80
N ILE C 187 28.47 -17.36 10.07
CA ILE C 187 29.04 -18.50 9.39
C ILE C 187 29.57 -19.48 10.42
N TRP C 188 30.38 -18.98 11.35
CA TRP C 188 30.85 -19.77 12.48
C TRP C 188 29.73 -20.62 13.07
N SER C 189 28.61 -19.97 13.34
CA SER C 189 27.45 -20.64 13.91
C SER C 189 26.97 -21.80 13.03
N LEU C 190 26.65 -21.52 11.75
CA LEU C 190 26.26 -22.59 10.83
C LEU C 190 27.31 -23.71 10.76
N GLY C 191 28.57 -23.33 10.94
CA GLY C 191 29.66 -24.29 11.04
C GLY C 191 29.48 -25.25 12.20
N CYS C 192 29.21 -24.69 13.38
CA CYS C 192 28.99 -25.51 14.57
C CYS C 192 27.77 -26.38 14.39
N ILE C 193 26.76 -25.85 13.71
CA ILE C 193 25.50 -26.54 13.45
C ILE C 193 25.64 -27.67 12.41
N PHE C 194 26.44 -27.42 11.38
CA PHE C 194 26.79 -28.45 10.41
C PHE C 194 27.34 -29.67 11.15
N ALA C 195 28.42 -29.44 11.90
CA ALA C 195 29.05 -30.46 12.74
C ALA C 195 28.03 -31.16 13.62
N GLU C 196 27.11 -30.37 14.19
CA GLU C 196 26.10 -30.89 15.12
C GLU C 196 25.11 -31.83 14.42
N MET C 197 24.78 -31.54 13.17
CA MET C 197 23.89 -32.42 12.41
C MET C 197 24.50 -33.80 12.17
N VAL C 198 25.83 -33.86 12.06
CA VAL C 198 26.53 -35.12 11.78
C VAL C 198 26.62 -36.00 13.02
N THR C 199 27.12 -35.43 14.11
CA THR C 199 27.40 -36.16 15.34
C THR C 199 26.19 -36.18 16.28
N ARG C 200 25.27 -35.25 16.05
CA ARG C 200 24.05 -35.11 16.88
C ARG C 200 24.39 -34.76 18.33
N ARG C 201 25.47 -33.99 18.48
CA ARG C 201 25.80 -33.31 19.73
C ARG C 201 26.64 -32.07 19.45
N ALA C 202 26.43 -31.04 20.27
CA ALA C 202 27.14 -29.77 20.13
C ALA C 202 28.63 -29.97 19.95
N LEU C 203 29.23 -29.16 19.08
CA LEU C 203 30.64 -29.27 18.73
C LEU C 203 31.51 -28.70 19.85
N PHE C 204 31.18 -27.50 20.32
CA PHE C 204 31.87 -26.87 21.43
C PHE C 204 30.89 -26.54 22.57
N PRO C 205 30.54 -27.55 23.39
CA PRO C 205 29.63 -27.29 24.50
C PRO C 205 30.35 -26.72 25.73
N GLY C 206 30.78 -25.47 25.65
CA GLY C 206 31.52 -24.84 26.74
C GLY C 206 30.70 -24.53 27.98
N ASP C 207 31.36 -24.61 29.14
CA ASP C 207 30.76 -24.31 30.45
C ASP C 207 30.98 -22.87 30.86
N SER C 208 31.94 -22.23 30.22
CA SER C 208 32.30 -20.84 30.49
C SER C 208 32.98 -20.25 29.27
N GLU C 209 33.23 -18.94 29.30
CA GLU C 209 33.88 -18.29 28.19
C GLU C 209 35.29 -18.83 27.95
N ILE C 210 36.06 -18.96 29.04
CA ILE C 210 37.39 -19.57 28.98
C ILE C 210 37.34 -20.99 28.40
N ASP C 211 36.43 -21.80 28.94
CA ASP C 211 36.27 -23.18 28.49
C ASP C 211 35.91 -23.20 27.02
N GLN C 212 35.00 -22.31 26.63
CA GLN C 212 34.60 -22.20 25.24
C GLN C 212 35.84 -22.00 24.37
N LEU C 213 36.68 -21.07 24.78
CA LEU C 213 37.91 -20.77 24.06
C LEU C 213 38.82 -21.98 23.93
N PHE C 214 39.02 -22.68 25.05
CA PHE C 214 39.93 -23.82 25.08
C PHE C 214 39.44 -24.93 24.17
N ARG C 215 38.14 -25.19 24.20
CA ARG C 215 37.52 -26.20 23.34
C ARG C 215 37.77 -25.91 21.86
N ILE C 216 37.72 -24.63 21.50
CA ILE C 216 38.00 -24.20 20.15
C ILE C 216 39.47 -24.42 19.78
N PHE C 217 40.38 -24.11 20.73
CA PHE C 217 41.82 -24.28 20.51
C PHE C 217 42.25 -25.74 20.37
N ARG C 218 41.67 -26.62 21.17
CA ARG C 218 41.87 -28.06 21.04
C ARG C 218 41.67 -28.50 19.60
N THR C 219 40.43 -28.34 19.15
CA THR C 219 39.95 -28.87 17.88
C THR C 219 40.74 -28.31 16.71
N LEU C 220 40.71 -26.99 16.56
CA LEU C 220 41.26 -26.36 15.37
C LEU C 220 42.75 -26.06 15.50
N GLY C 221 43.34 -26.41 16.65
CA GLY C 221 44.78 -26.24 16.87
C GLY C 221 45.13 -24.84 17.33
N THR C 222 46.26 -24.73 18.02
CA THR C 222 46.71 -23.44 18.57
C THR C 222 48.25 -23.29 18.65
N VAL C 253 35.01 -34.41 13.76
CA VAL C 253 33.87 -34.94 13.03
C VAL C 253 34.29 -36.09 12.10
N PRO C 254 34.31 -37.33 12.62
CA PRO C 254 34.73 -38.53 11.88
C PRO C 254 33.89 -38.95 10.63
N PRO C 255 32.54 -39.05 10.74
CA PRO C 255 31.82 -39.70 9.62
C PRO C 255 31.59 -38.84 8.37
N LEU C 256 32.34 -37.76 8.22
CA LEU C 256 32.13 -36.81 7.13
C LEU C 256 33.19 -36.98 6.04
N ASP C 257 32.75 -36.89 4.78
CA ASP C 257 33.61 -37.06 3.60
C ASP C 257 34.66 -35.94 3.45
N GLU C 258 35.60 -36.11 2.51
CA GLU C 258 36.68 -35.14 2.29
C GLU C 258 36.13 -33.75 1.94
N ASP C 259 35.08 -33.72 1.13
CA ASP C 259 34.42 -32.48 0.74
C ASP C 259 33.84 -31.77 1.95
N GLY C 260 33.08 -32.51 2.74
CA GLY C 260 32.42 -32.00 3.94
C GLY C 260 33.38 -31.34 4.91
N ARG C 261 34.49 -32.02 5.20
CA ARG C 261 35.51 -31.49 6.10
C ARG C 261 36.12 -30.20 5.60
N SER C 262 36.42 -30.14 4.30
CA SER C 262 36.98 -28.93 3.71
C SER C 262 36.08 -27.73 3.98
N LEU C 263 34.80 -27.85 3.64
CA LEU C 263 33.85 -26.78 3.88
C LEU C 263 33.75 -26.43 5.37
N LEU C 264 33.69 -27.46 6.21
CA LEU C 264 33.60 -27.28 7.65
C LEU C 264 34.75 -26.42 8.17
N SER C 265 35.98 -26.82 7.85
CA SER C 265 37.15 -26.10 8.31
C SER C 265 37.27 -24.70 7.71
N GLN C 266 36.58 -24.46 6.59
CA GLN C 266 36.50 -23.14 5.98
C GLN C 266 35.40 -22.31 6.63
N MET C 267 34.42 -22.99 7.23
CA MET C 267 33.37 -22.31 7.99
C MET C 267 33.86 -22.02 9.40
N LEU C 268 34.90 -22.74 9.84
CA LEU C 268 35.43 -22.58 11.18
C LEU C 268 36.88 -22.06 11.22
N HIS C 269 37.25 -21.25 10.24
CA HIS C 269 38.54 -20.60 10.29
C HIS C 269 38.54 -19.59 11.43
N TYR C 270 39.64 -19.56 12.19
CA TYR C 270 39.83 -18.57 13.25
C TYR C 270 39.67 -17.15 12.73
N ASP C 271 40.37 -16.85 11.64
CA ASP C 271 40.36 -15.53 11.02
C ASP C 271 39.03 -15.28 10.32
N PRO C 272 38.29 -14.23 10.76
CA PRO C 272 37.01 -13.90 10.14
C PRO C 272 37.17 -13.44 8.69
N ASN C 273 38.34 -12.88 8.36
CA ASN C 273 38.62 -12.47 6.98
C ASN C 273 38.81 -13.68 6.09
N LYS C 274 39.45 -14.72 6.63
CA LYS C 274 39.72 -15.93 5.87
C LYS C 274 38.48 -16.80 5.78
N ARG C 275 37.63 -16.73 6.80
CA ARG C 275 36.43 -17.55 6.89
C ARG C 275 35.59 -17.43 5.62
N ILE C 276 35.00 -18.54 5.20
CA ILE C 276 34.13 -18.54 4.03
C ILE C 276 32.88 -17.66 4.25
N SER C 277 32.42 -17.04 3.17
CA SER C 277 31.13 -16.37 3.15
C SER C 277 30.06 -17.37 2.75
N ALA C 278 28.83 -17.12 3.15
CA ALA C 278 27.70 -17.98 2.78
C ALA C 278 27.59 -18.12 1.28
N LYS C 279 27.75 -17.00 0.57
CA LYS C 279 27.67 -16.97 -0.88
C LYS C 279 28.69 -17.91 -1.52
N ALA C 280 29.90 -17.92 -0.99
CA ALA C 280 30.96 -18.77 -1.50
C ALA C 280 30.78 -20.23 -1.07
N ALA C 281 30.14 -20.41 0.09
CA ALA C 281 29.85 -21.74 0.62
C ALA C 281 28.87 -22.51 -0.27
N LEU C 282 27.92 -21.81 -0.91
CA LEU C 282 26.95 -22.45 -1.80
C LEU C 282 27.59 -23.02 -3.07
N ALA C 283 28.80 -22.56 -3.39
CA ALA C 283 29.51 -22.99 -4.60
C ALA C 283 30.53 -24.09 -4.29
N HIS C 284 30.56 -24.55 -3.05
CA HIS C 284 31.48 -25.61 -2.62
C HIS C 284 31.14 -26.94 -3.30
N PRO C 285 32.17 -27.72 -3.71
CA PRO C 285 31.96 -29.05 -4.27
C PRO C 285 31.05 -29.96 -3.44
N PHE C 286 30.91 -29.66 -2.15
CA PHE C 286 30.09 -30.46 -1.23
C PHE C 286 28.63 -30.47 -1.67
N PHE C 287 28.17 -29.35 -2.22
CA PHE C 287 26.79 -29.20 -2.65
C PHE C 287 26.57 -29.50 -4.12
N GLN C 288 27.57 -30.06 -4.81
CA GLN C 288 27.41 -30.34 -6.24
C GLN C 288 26.25 -31.31 -6.52
N ASP C 289 26.09 -32.33 -5.66
CA ASP C 289 25.07 -33.37 -5.86
C ASP C 289 23.84 -33.23 -4.95
N VAL C 290 23.63 -32.02 -4.43
CA VAL C 290 22.56 -31.79 -3.45
C VAL C 290 21.15 -32.00 -4.01
N THR C 291 20.28 -32.57 -3.18
CA THR C 291 18.85 -32.70 -3.48
C THR C 291 18.04 -32.09 -2.32
N LYS C 292 16.75 -32.40 -2.26
CA LYS C 292 15.90 -31.92 -1.18
C LYS C 292 15.03 -33.05 -0.61
N PRO C 293 15.63 -33.93 0.21
CA PRO C 293 14.91 -35.07 0.78
C PRO C 293 13.87 -34.67 1.82
N VAL C 294 12.86 -35.51 1.97
CA VAL C 294 11.87 -35.38 3.04
C VAL C 294 12.45 -35.99 4.32
N PRO C 295 12.35 -35.27 5.45
CA PRO C 295 12.96 -35.78 6.69
C PRO C 295 12.29 -37.04 7.21
N HIS C 296 13.09 -38.06 7.47
CA HIS C 296 12.64 -39.27 8.16
C HIS C 296 12.15 -38.81 9.54
N LEU C 297 11.26 -39.59 10.16
CA LEU C 297 10.57 -39.14 11.38
C LEU C 297 9.46 -38.14 11.01
N ARG C 298 8.48 -37.98 11.89
CA ARG C 298 7.35 -37.10 11.62
C ARG C 298 7.73 -35.63 11.84
N SER D 1 38.68 -5.95 4.75
CA SER D 1 38.60 -7.27 5.43
C SER D 1 37.15 -7.78 5.46
N VAL D 2 36.74 -8.64 6.32
CA VAL D 2 35.35 -9.08 6.42
C VAL D 2 34.43 -7.95 6.92
N ASN D 3 34.98 -7.01 7.69
CA ASN D 3 34.24 -5.87 8.21
C ASN D 3 33.75 -4.91 7.13
N GLU D 4 34.39 -4.96 5.97
CA GLU D 4 34.01 -4.15 4.81
C GLU D 4 33.11 -4.97 3.88
N VAL D 5 32.79 -6.19 4.34
CA VAL D 5 31.88 -7.13 3.68
C VAL D 5 32.03 -7.29 2.14
N PRO D 6 33.19 -7.81 1.68
CA PRO D 6 33.51 -7.79 0.25
C PRO D 6 32.57 -8.64 -0.62
N ASP D 7 32.14 -9.80 -0.13
CA ASP D 7 31.23 -10.68 -0.88
C ASP D 7 29.80 -10.13 -1.00
N TYR D 8 29.49 -9.04 -0.31
CA TYR D 8 28.09 -8.55 -0.23
C TYR D 8 27.87 -7.06 -0.48
N HIS D 9 28.92 -6.25 -0.49
CA HIS D 9 28.75 -4.80 -0.59
C HIS D 9 28.00 -4.36 -1.86
N GLU D 10 28.22 -5.06 -2.96
CA GLU D 10 27.50 -4.77 -4.21
C GLU D 10 26.01 -5.10 -4.06
N ASP D 11 25.72 -6.33 -3.63
CA ASP D 11 24.34 -6.73 -3.31
C ASP D 11 23.67 -5.75 -2.35
N ILE D 12 24.39 -5.36 -1.30
CA ILE D 12 23.88 -4.47 -0.25
C ILE D 12 23.61 -3.06 -0.78
N HIS D 13 24.54 -2.55 -1.59
CA HIS D 13 24.38 -1.24 -2.20
C HIS D 13 23.13 -1.16 -3.07
N THR D 14 22.93 -2.18 -3.92
CA THR D 14 21.75 -2.26 -4.79
C THR D 14 20.44 -2.24 -3.98
N TYR D 15 20.40 -2.97 -2.87
CA TYR D 15 19.23 -3.04 -2.03
C TYR D 15 18.95 -1.70 -1.32
N LEU D 16 20.00 -1.07 -0.79
CA LEU D 16 19.85 0.26 -0.20
C LEU D 16 19.35 1.25 -1.24
N ARG D 17 19.91 1.18 -2.44
CA ARG D 17 19.50 2.03 -3.56
C ARG D 17 18.04 1.77 -3.96
N GLU D 18 17.61 0.53 -3.83
CA GLU D 18 16.24 0.15 -4.13
C GLU D 18 15.27 0.59 -3.03
N MET D 19 15.72 0.50 -1.78
CA MET D 19 14.88 0.80 -0.60
C MET D 19 14.71 2.29 -0.31
N GLU D 20 15.73 3.10 -0.58
CA GLU D 20 15.67 4.53 -0.34
C GLU D 20 14.54 5.17 -1.16
N VAL D 21 14.20 4.54 -2.27
CA VAL D 21 13.06 4.96 -3.10
C VAL D 21 11.72 4.65 -2.42
N LYS D 22 11.68 3.56 -1.65
CA LYS D 22 10.43 3.13 -1.01
C LYS D 22 10.23 3.76 0.37
N CYS D 23 11.33 4.22 0.97
CA CYS D 23 11.31 4.91 2.26
C CYS D 23 11.29 6.43 2.11
N LYS D 24 11.26 6.92 0.88
CA LYS D 24 11.24 8.35 0.60
C LYS D 24 9.89 8.98 0.97
N PRO D 25 9.90 10.01 1.85
CA PRO D 25 8.68 10.77 2.17
C PRO D 25 8.23 11.55 0.95
N LYS D 26 6.97 12.00 0.93
CA LYS D 26 6.50 12.79 -0.22
C LYS D 26 7.06 14.21 -0.24
N VAL D 27 7.50 14.61 -1.43
CA VAL D 27 8.27 15.83 -1.66
C VAL D 27 7.62 17.08 -1.11
N GLY D 28 6.33 17.25 -1.37
CA GLY D 28 5.63 18.45 -0.91
C GLY D 28 4.67 18.18 0.22
N TYR D 29 5.12 17.46 1.25
CA TYR D 29 4.23 17.16 2.37
C TYR D 29 3.95 18.39 3.23
N MET D 30 4.88 19.33 3.25
CA MET D 30 4.72 20.54 4.06
C MET D 30 3.62 21.47 3.51
N LYS D 31 3.41 21.43 2.19
CA LYS D 31 2.32 22.17 1.55
C LYS D 31 0.92 21.68 1.97
N LYS D 32 0.84 20.46 2.49
CA LYS D 32 -0.44 19.87 2.86
C LYS D 32 -0.70 19.82 4.37
N GLN D 33 0.31 20.16 5.16
CA GLN D 33 0.19 20.30 6.62
C GLN D 33 -0.26 21.71 6.93
N PRO D 34 -1.54 21.88 7.34
CA PRO D 34 -2.08 23.22 7.55
C PRO D 34 -1.55 23.96 8.78
N ASP D 35 -0.99 23.25 9.75
CA ASP D 35 -0.53 23.93 10.96
C ASP D 35 0.99 24.08 11.10
N ILE D 36 1.76 23.23 10.41
CA ILE D 36 3.21 23.27 10.56
C ILE D 36 3.96 23.64 9.27
N THR D 37 5.14 24.24 9.43
CA THR D 37 5.93 24.76 8.30
C THR D 37 7.34 24.16 8.25
N ASN D 38 8.08 24.51 7.19
CA ASN D 38 9.48 24.11 7.03
C ASN D 38 10.38 24.66 8.13
N SER D 39 10.18 25.93 8.45
CA SER D 39 10.88 26.60 9.53
C SER D 39 10.73 25.82 10.84
N MET D 40 9.49 25.45 11.17
CA MET D 40 9.19 24.72 12.39
C MET D 40 9.94 23.39 12.43
N ARG D 41 9.90 22.67 11.31
CA ARG D 41 10.64 21.42 11.17
C ARG D 41 12.14 21.63 11.43
N ALA D 42 12.69 22.73 10.91
CA ALA D 42 14.10 23.06 11.10
C ALA D 42 14.46 23.20 12.57
N ILE D 43 13.65 23.93 13.33
CA ILE D 43 13.79 24.00 14.79
C ILE D 43 13.89 22.60 15.38
N LEU D 44 12.94 21.75 15.00
CA LEU D 44 12.85 20.39 15.50
C LEU D 44 14.08 19.55 15.18
N VAL D 45 14.43 19.49 13.90
CA VAL D 45 15.60 18.71 13.47
C VAL D 45 16.86 19.22 14.18
N ASP D 46 17.03 20.54 14.27
CA ASP D 46 18.16 21.09 15.01
C ASP D 46 18.14 20.66 16.48
N TRP D 47 16.96 20.60 17.08
CA TRP D 47 16.84 20.21 18.48
C TRP D 47 17.23 18.74 18.69
N LEU D 48 16.84 17.90 17.74
CA LEU D 48 17.26 16.50 17.74
C LEU D 48 18.79 16.36 17.72
N VAL D 49 19.48 17.22 16.97
CA VAL D 49 20.94 17.21 16.94
C VAL D 49 21.50 17.46 18.34
N GLU D 50 20.92 18.45 19.03
CA GLU D 50 21.28 18.73 20.42
C GLU D 50 21.03 17.52 21.32
N VAL D 51 19.90 16.86 21.12
CA VAL D 51 19.60 15.64 21.85
C VAL D 51 20.66 14.58 21.54
N GLY D 52 21.00 14.45 20.27
CA GLY D 52 22.02 13.51 19.82
C GLY D 52 23.35 13.72 20.50
N GLU D 53 23.71 14.98 20.74
CA GLU D 53 24.98 15.33 21.39
C GLU D 53 24.98 15.06 22.89
N GLU D 54 23.92 15.50 23.56
CA GLU D 54 23.79 15.36 25.00
C GLU D 54 23.88 13.89 25.42
N TYR D 55 23.20 13.01 24.69
CA TYR D 55 23.17 11.59 25.01
C TYR D 55 24.17 10.76 24.20
N LYS D 56 25.06 11.46 23.50
CA LYS D 56 26.13 10.86 22.69
C LYS D 56 25.63 9.70 21.81
N LEU D 57 24.55 9.96 21.09
CA LEU D 57 23.99 8.95 20.18
C LEU D 57 24.70 8.96 18.83
N GLN D 58 24.53 7.88 18.08
CA GLN D 58 25.08 7.73 16.74
C GLN D 58 24.40 8.66 15.77
N ASN D 59 25.18 9.19 14.82
CA ASN D 59 24.61 10.02 13.76
C ASN D 59 23.57 9.27 12.96
N GLU D 60 23.78 7.96 12.78
CA GLU D 60 22.82 7.13 12.06
C GLU D 60 21.45 7.24 12.73
N THR D 61 21.47 7.24 14.07
CA THR D 61 20.26 7.40 14.85
C THR D 61 19.53 8.69 14.51
N LEU D 62 20.28 9.78 14.34
CA LEU D 62 19.70 11.07 13.98
C LEU D 62 19.04 10.97 12.61
N HIS D 63 19.75 10.39 11.64
CA HIS D 63 19.27 10.33 10.27
C HIS D 63 18.00 9.51 10.15
N LEU D 64 17.93 8.42 10.91
CA LEU D 64 16.74 7.57 10.97
C LEU D 64 15.52 8.32 11.51
N ALA D 65 15.69 8.99 12.66
CA ALA D 65 14.60 9.74 13.30
C ALA D 65 14.00 10.78 12.36
N VAL D 66 14.86 11.50 11.65
CA VAL D 66 14.43 12.45 10.62
C VAL D 66 13.61 11.75 9.52
N ASN D 67 14.09 10.60 9.05
CA ASN D 67 13.30 9.81 8.11
C ASN D 67 11.95 9.40 8.70
N TYR D 68 11.95 9.00 9.98
CA TYR D 68 10.69 8.59 10.62
C TYR D 68 9.73 9.76 10.67
N ILE D 69 10.25 10.93 11.03
CA ILE D 69 9.44 12.15 11.12
C ILE D 69 8.81 12.51 9.77
N ASP D 70 9.64 12.64 8.74
CA ASP D 70 9.15 13.05 7.44
C ASP D 70 8.10 12.10 6.90
N ARG D 71 8.28 10.80 7.15
CA ARG D 71 7.34 9.80 6.67
C ARG D 71 6.01 9.87 7.40
N PHE D 72 6.08 10.02 8.73
CA PHE D 72 4.92 10.21 9.58
C PHE D 72 4.11 11.42 9.13
N LEU D 73 4.80 12.56 9.03
CA LEU D 73 4.21 13.81 8.59
C LEU D 73 3.78 13.79 7.11
N SER D 74 4.33 12.84 6.35
CA SER D 74 3.84 12.61 5.00
C SER D 74 2.47 11.94 4.97
N SER D 75 2.00 11.43 6.11
CA SER D 75 0.65 10.84 6.17
C SER D 75 -0.29 11.31 7.31
N MET D 76 0.24 12.03 8.29
CA MET D 76 -0.56 12.47 9.44
C MET D 76 -0.50 13.99 9.64
N SER D 77 -1.67 14.60 9.77
CA SER D 77 -1.78 16.01 10.10
C SER D 77 -1.45 16.23 11.57
N VAL D 78 -0.48 17.10 11.84
CA VAL D 78 -0.03 17.31 13.21
C VAL D 78 -0.05 18.80 13.51
N LEU D 79 -0.61 19.14 14.67
CA LEU D 79 -0.67 20.51 15.13
C LEU D 79 0.69 20.92 15.68
N ARG D 80 0.92 22.23 15.74
CA ARG D 80 2.21 22.79 16.17
C ARG D 80 2.70 22.27 17.53
N GLY D 81 1.77 22.18 18.48
CA GLY D 81 2.08 21.83 19.87
C GLY D 81 2.34 20.35 20.07
N LYS D 82 2.24 19.59 18.98
CA LYS D 82 2.46 18.16 19.03
C LYS D 82 3.64 17.71 18.15
N LEU D 83 4.19 18.65 17.39
CA LEU D 83 5.34 18.39 16.50
C LEU D 83 6.51 17.80 17.27
N GLN D 84 6.81 18.39 18.42
CA GLN D 84 7.92 17.91 19.24
C GLN D 84 7.66 16.51 19.81
N LEU D 85 6.40 16.19 20.09
CA LEU D 85 6.08 14.86 20.62
C LEU D 85 6.39 13.80 19.57
N VAL D 86 5.98 14.06 18.33
CA VAL D 86 6.32 13.21 17.20
C VAL D 86 7.82 13.03 17.15
N GLY D 87 8.53 14.16 17.09
CA GLY D 87 9.99 14.18 17.03
C GLY D 87 10.65 13.38 18.14
N THR D 88 10.14 13.53 19.37
CA THR D 88 10.66 12.78 20.51
C THR D 88 10.46 11.28 20.32
N ALA D 89 9.25 10.90 19.88
CA ALA D 89 8.94 9.48 19.66
C ALA D 89 9.82 8.91 18.57
N ALA D 90 10.05 9.71 17.53
CA ALA D 90 10.92 9.32 16.44
C ALA D 90 12.33 9.00 16.97
N MET D 91 12.86 9.87 17.83
CA MET D 91 14.22 9.70 18.34
C MET D 91 14.32 8.44 19.19
N LEU D 92 13.32 8.23 20.04
CA LEU D 92 13.25 7.03 20.85
C LEU D 92 13.27 5.80 19.95
N LEU D 93 12.35 5.77 18.98
CA LEU D 93 12.23 4.64 18.08
C LEU D 93 13.53 4.38 17.37
N ALA D 94 14.16 5.43 16.86
CA ALA D 94 15.46 5.33 16.18
C ALA D 94 16.56 4.81 17.11
N SER D 95 16.53 5.27 18.35
CA SER D 95 17.51 4.84 19.36
C SER D 95 17.38 3.34 19.60
N LYS D 96 16.14 2.90 19.80
CA LYS D 96 15.86 1.50 20.09
C LYS D 96 16.32 0.64 18.94
N PHE D 97 16.12 1.12 17.72
CA PHE D 97 16.50 0.39 16.52
C PHE D 97 18.00 0.30 16.40
N GLU D 98 18.69 1.41 16.67
CA GLU D 98 20.08 1.57 16.25
C GLU D 98 21.11 1.49 17.37
N GLU D 99 20.76 1.97 18.57
CA GLU D 99 21.72 2.10 19.66
C GLU D 99 21.95 0.81 20.42
N ILE D 100 23.20 0.57 20.78
CA ILE D 100 23.53 -0.51 21.69
C ILE D 100 22.85 -0.17 23.02
N TYR D 101 23.04 1.07 23.47
CA TYR D 101 22.46 1.53 24.72
C TYR D 101 21.54 2.72 24.46
N PRO D 102 20.29 2.45 24.04
CA PRO D 102 19.39 3.58 23.89
C PRO D 102 19.10 4.25 25.25
N PRO D 103 18.95 5.57 25.26
CA PRO D 103 18.54 6.24 26.50
C PRO D 103 17.19 5.69 26.93
N GLU D 104 16.98 5.48 28.22
CA GLU D 104 15.67 5.03 28.72
C GLU D 104 14.60 6.07 28.38
N VAL D 105 13.34 5.65 28.41
CA VAL D 105 12.24 6.56 28.04
C VAL D 105 12.21 7.84 28.89
N ALA D 106 12.44 7.69 30.19
CA ALA D 106 12.46 8.83 31.13
C ALA D 106 13.39 9.96 30.67
N GLU D 107 14.50 9.57 30.06
CA GLU D 107 15.45 10.53 29.52
C GLU D 107 14.91 11.27 28.30
N PHE D 108 14.03 10.63 27.54
CA PHE D 108 13.37 11.31 26.42
C PHE D 108 12.28 12.27 26.90
N VAL D 109 11.69 11.97 28.06
CA VAL D 109 10.68 12.86 28.64
C VAL D 109 11.35 14.11 29.20
N TYR D 110 12.54 13.93 29.76
CA TYR D 110 13.34 15.01 30.34
C TYR D 110 13.68 16.10 29.34
N ILE D 111 14.26 15.72 28.21
CA ILE D 111 14.66 16.68 27.17
C ILE D 111 13.52 17.43 26.49
N THR D 112 12.30 16.91 26.59
CA THR D 112 11.14 17.66 26.09
C THR D 112 10.63 18.65 27.15
N ASP D 113 11.50 18.93 28.13
CA ASP D 113 11.27 19.91 29.20
C ASP D 113 9.96 19.71 29.99
N ASP D 114 9.50 18.46 30.01
CA ASP D 114 8.24 18.06 30.66
C ASP D 114 7.00 18.79 30.05
N THR D 115 7.12 19.16 28.78
CA THR D 115 5.99 19.68 28.01
C THR D 115 4.98 18.54 27.81
N TYR D 116 5.50 17.34 27.53
CA TYR D 116 4.69 16.12 27.39
C TYR D 116 4.90 15.16 28.55
N THR D 117 3.95 14.23 28.73
CA THR D 117 4.06 13.20 29.76
C THR D 117 4.67 11.93 29.20
N LYS D 118 5.20 11.09 30.09
CA LYS D 118 5.75 9.80 29.72
C LYS D 118 4.74 9.01 28.88
N LYS D 119 3.49 8.95 29.33
CA LYS D 119 2.44 8.21 28.63
C LYS D 119 2.24 8.71 27.20
N GLN D 120 2.25 10.03 27.04
CA GLN D 120 2.11 10.62 25.71
C GLN D 120 3.22 10.18 24.76
N VAL D 121 4.44 10.14 25.27
CA VAL D 121 5.58 9.69 24.46
C VAL D 121 5.38 8.22 24.07
N LEU D 122 4.96 7.41 25.04
CA LEU D 122 4.72 6.00 24.81
C LEU D 122 3.61 5.74 23.80
N ARG D 123 2.51 6.49 23.92
CA ARG D 123 1.42 6.38 22.96
C ARG D 123 1.80 6.85 21.56
N MET D 124 2.52 7.97 21.47
CA MET D 124 3.03 8.44 20.19
C MET D 124 3.98 7.42 19.57
N GLU D 125 4.77 6.73 20.39
CA GLU D 125 5.67 5.69 19.88
C GLU D 125 4.89 4.66 19.08
N HIS D 126 3.86 4.10 19.71
CA HIS D 126 3.03 3.09 19.06
C HIS D 126 2.37 3.67 17.82
N LEU D 127 1.94 4.93 17.92
CA LEU D 127 1.32 5.61 16.80
C LEU D 127 2.29 5.70 15.63
N VAL D 128 3.53 6.08 15.91
CA VAL D 128 4.53 6.18 14.86
C VAL D 128 4.77 4.82 14.21
N LEU D 129 4.81 3.78 15.05
CA LEU D 129 5.02 2.43 14.55
C LEU D 129 3.92 2.00 13.58
N LYS D 130 2.68 2.31 13.93
CA LYS D 130 1.53 1.97 13.09
C LYS D 130 1.57 2.70 11.76
N VAL D 131 1.74 4.01 11.81
CA VAL D 131 1.80 4.83 10.60
C VAL D 131 2.92 4.38 9.65
N LEU D 132 4.09 4.10 10.22
CA LEU D 132 5.23 3.58 9.46
C LEU D 132 5.14 2.08 9.24
N ALA D 133 4.04 1.48 9.71
CA ALA D 133 3.81 0.03 9.62
C ALA D 133 5.06 -0.78 9.96
N PHE D 134 5.74 -0.39 11.04
CA PHE D 134 6.98 -1.02 11.52
C PHE D 134 8.15 -1.06 10.54
N ASP D 135 8.05 -0.36 9.42
CA ASP D 135 9.13 -0.35 8.44
C ASP D 135 10.18 0.69 8.86
N LEU D 136 11.10 0.29 9.74
CA LEU D 136 12.06 1.26 10.29
C LEU D 136 13.47 1.18 9.72
N ALA D 137 13.77 0.14 8.95
CA ALA D 137 15.11 -0.08 8.41
C ALA D 137 15.34 0.74 7.14
N ALA D 138 15.18 2.05 7.26
CA ALA D 138 15.37 2.97 6.14
C ALA D 138 16.85 3.27 5.87
N PRO D 139 17.25 3.26 4.59
CA PRO D 139 18.58 3.71 4.19
C PRO D 139 18.75 5.20 4.45
N THR D 140 19.93 5.60 4.88
CA THR D 140 20.21 6.99 5.26
C THR D 140 21.40 7.55 4.50
N ILE D 141 21.52 8.87 4.49
CA ILE D 141 22.69 9.55 3.90
C ILE D 141 23.98 8.91 4.44
N ASN D 142 23.97 8.65 5.74
CA ASN D 142 25.12 8.09 6.43
C ASN D 142 25.53 6.71 5.95
N GLN D 143 24.56 5.85 5.67
CA GLN D 143 24.83 4.48 5.21
C GLN D 143 25.51 4.48 3.86
N PHE D 144 25.21 5.50 3.05
CA PHE D 144 25.84 5.65 1.75
C PHE D 144 27.23 6.28 1.87
N LEU D 145 27.33 7.36 2.63
CA LEU D 145 28.61 8.03 2.90
C LEU D 145 29.67 7.05 3.35
N THR D 146 29.28 6.18 4.28
CA THR D 146 30.21 5.29 4.95
C THR D 146 30.79 4.27 3.95
N GLN D 147 29.99 3.95 2.94
CA GLN D 147 30.42 3.14 1.80
C GLN D 147 31.34 3.91 0.86
N TYR D 148 31.02 5.19 0.64
CA TYR D 148 31.80 6.05 -0.24
C TYR D 148 33.21 6.29 0.34
N PHE D 149 33.29 6.36 1.67
CA PHE D 149 34.57 6.58 2.36
C PHE D 149 35.59 5.49 2.06
N LEU D 150 35.10 4.32 1.71
CA LEU D 150 35.94 3.19 1.33
C LEU D 150 36.67 3.39 -0.01
N HIS D 151 36.30 4.45 -0.74
CA HIS D 151 36.90 4.74 -2.04
C HIS D 151 37.95 5.87 -1.98
N GLN D 152 38.26 6.32 -0.75
CA GLN D 152 39.32 7.30 -0.53
C GLN D 152 40.68 6.64 -0.72
N GLN D 153 41.60 7.37 -1.34
CA GLN D 153 42.94 6.84 -1.58
C GLN D 153 44.05 7.85 -1.24
N PRO D 154 44.51 7.86 0.02
CA PRO D 154 44.02 7.03 1.14
C PRO D 154 42.92 7.78 1.93
N ALA D 155 42.58 7.27 3.12
CA ALA D 155 41.53 7.88 3.94
C ALA D 155 41.96 9.23 4.53
N ASN D 156 41.02 10.16 4.56
CA ASN D 156 41.24 11.49 5.13
C ASN D 156 40.15 11.82 6.15
N CYS D 157 40.57 12.03 7.40
CA CYS D 157 39.65 12.27 8.51
C CYS D 157 38.93 13.61 8.46
N LYS D 158 39.59 14.63 7.92
CA LYS D 158 38.96 15.92 7.68
C LYS D 158 37.81 15.77 6.67
N VAL D 159 38.05 15.01 5.61
CA VAL D 159 37.05 14.82 4.54
C VAL D 159 35.81 14.12 5.10
N GLU D 160 36.03 12.96 5.70
CA GLU D 160 34.94 12.16 6.26
C GLU D 160 34.06 12.99 7.18
N SER D 161 34.68 13.66 8.14
CA SER D 161 33.97 14.56 9.05
C SER D 161 33.21 15.67 8.30
N LEU D 162 33.86 16.31 7.33
CA LEU D 162 33.18 17.34 6.55
C LEU D 162 32.02 16.75 5.74
N ALA D 163 32.21 15.56 5.17
CA ALA D 163 31.14 14.89 4.45
C ALA D 163 29.94 14.63 5.37
N MET D 164 30.21 14.12 6.57
CA MET D 164 29.20 13.91 7.60
C MET D 164 28.42 15.20 7.89
N PHE D 165 29.19 16.27 8.09
CA PHE D 165 28.68 17.60 8.44
C PHE D 165 27.72 18.18 7.40
N LEU D 166 28.11 18.12 6.14
CA LEU D 166 27.27 18.65 5.06
C LEU D 166 25.98 17.84 4.95
N GLY D 167 26.12 16.52 4.84
CA GLY D 167 24.96 15.63 4.78
C GLY D 167 23.99 15.89 5.93
N GLU D 168 24.56 16.13 7.12
CA GLU D 168 23.77 16.44 8.31
C GLU D 168 23.01 17.76 8.14
N LEU D 169 23.67 18.78 7.59
CA LEU D 169 23.04 20.07 7.34
C LEU D 169 21.79 19.96 6.47
N SER D 170 21.77 18.99 5.56
CA SER D 170 20.64 18.81 4.65
C SER D 170 19.34 18.41 5.37
N LEU D 171 19.48 17.70 6.49
CA LEU D 171 18.34 17.23 7.28
C LEU D 171 17.50 18.40 7.80
N ILE D 172 18.14 19.55 7.96
CA ILE D 172 17.51 20.73 8.54
C ILE D 172 16.52 21.36 7.57
N ASP D 173 16.93 21.47 6.30
CA ASP D 173 16.17 22.21 5.28
C ASP D 173 15.40 21.29 4.32
N ALA D 174 14.14 21.04 4.64
CA ALA D 174 13.25 20.21 3.82
C ALA D 174 13.15 20.75 2.40
N ASP D 175 13.20 22.08 2.30
CA ASP D 175 13.42 22.77 1.03
C ASP D 175 14.90 23.17 0.99
N PRO D 176 15.67 22.58 0.07
CA PRO D 176 15.22 21.68 -1.00
C PRO D 176 15.35 20.19 -0.74
N TYR D 177 16.00 19.78 0.37
CA TYR D 177 16.60 18.43 0.43
C TYR D 177 15.66 17.23 0.42
N LEU D 178 14.37 17.49 0.63
CA LEU D 178 13.37 16.45 0.57
C LEU D 178 13.29 15.80 -0.82
N LYS D 179 13.65 16.56 -1.85
CA LYS D 179 13.55 16.09 -3.23
C LYS D 179 14.80 15.37 -3.74
N TYR D 180 15.82 15.26 -2.90
CA TYR D 180 16.98 14.40 -3.23
C TYR D 180 17.00 13.12 -2.36
N LEU D 181 17.42 12.03 -2.98
CA LEU D 181 17.56 10.74 -2.30
C LEU D 181 18.83 10.73 -1.44
N PRO D 182 18.79 10.01 -0.29
CA PRO D 182 19.96 9.92 0.59
C PRO D 182 21.27 9.66 -0.15
N SER D 183 21.24 8.75 -1.13
CA SER D 183 22.43 8.35 -1.88
C SER D 183 23.01 9.51 -2.69
N VAL D 184 22.12 10.35 -3.22
CA VAL D 184 22.50 11.53 -3.98
C VAL D 184 23.04 12.62 -3.05
N ILE D 185 22.33 12.87 -1.94
CA ILE D 185 22.79 13.86 -0.97
C ILE D 185 24.17 13.48 -0.48
N ALA D 186 24.35 12.20 -0.12
CA ALA D 186 25.66 11.67 0.29
C ALA D 186 26.73 11.90 -0.78
N ALA D 187 26.38 11.63 -2.03
CA ALA D 187 27.31 11.76 -3.16
C ALA D 187 27.80 13.21 -3.31
N ALA D 188 26.86 14.15 -3.31
CA ALA D 188 27.20 15.56 -3.39
C ALA D 188 28.05 15.95 -2.20
N ALA D 189 27.59 15.58 -1.00
CA ALA D 189 28.30 15.86 0.25
C ALA D 189 29.73 15.37 0.18
N PHE D 190 29.92 14.16 -0.34
CA PHE D 190 31.25 13.56 -0.43
C PHE D 190 32.16 14.33 -1.38
N HIS D 191 31.65 14.65 -2.57
CA HIS D 191 32.40 15.45 -3.53
C HIS D 191 32.82 16.78 -2.90
N LEU D 192 31.83 17.49 -2.37
CA LEU D 192 32.03 18.82 -1.80
C LEU D 192 33.05 18.81 -0.66
N ALA D 193 32.97 17.81 0.21
CA ALA D 193 33.95 17.66 1.30
C ALA D 193 35.36 17.36 0.79
N LEU D 194 35.46 16.42 -0.16
CA LEU D 194 36.73 16.00 -0.73
C LEU D 194 37.42 17.17 -1.42
N TYR D 195 36.66 17.88 -2.23
CA TYR D 195 37.16 19.03 -2.99
C TYR D 195 37.67 20.14 -2.07
N THR D 196 36.97 20.37 -0.97
CA THR D 196 37.37 21.40 -0.01
C THR D 196 38.72 21.11 0.64
N VAL D 197 38.86 19.92 1.22
CA VAL D 197 40.07 19.57 1.96
C VAL D 197 41.25 19.21 1.05
N THR D 198 41.15 18.08 0.35
CA THR D 198 42.24 17.60 -0.51
C THR D 198 42.34 18.43 -1.78
N GLY D 199 41.22 18.60 -2.48
CA GLY D 199 41.18 19.36 -3.72
C GLY D 199 40.80 18.54 -4.94
N GLN D 200 40.44 17.28 -4.73
CA GLN D 200 40.12 16.39 -5.85
C GLN D 200 38.63 16.00 -5.92
N SER D 201 38.29 15.16 -6.89
CA SER D 201 36.90 14.98 -7.29
C SER D 201 36.28 13.65 -6.89
N TRP D 202 34.95 13.63 -6.91
CA TRP D 202 34.15 12.42 -6.90
C TRP D 202 34.86 11.36 -7.74
N PRO D 203 35.37 10.30 -7.09
CA PRO D 203 36.26 9.33 -7.72
C PRO D 203 35.59 8.52 -8.82
N GLU D 204 36.38 8.11 -9.81
CA GLU D 204 35.88 7.32 -10.93
C GLU D 204 35.31 5.97 -10.49
N SER D 205 35.94 5.37 -9.47
CA SER D 205 35.48 4.12 -8.89
C SER D 205 34.04 4.23 -8.40
N LEU D 206 33.70 5.36 -7.79
CA LEU D 206 32.34 5.63 -7.32
C LEU D 206 31.39 6.06 -8.44
N VAL D 207 31.90 6.18 -9.66
CA VAL D 207 31.03 6.47 -10.81
C VAL D 207 30.44 5.16 -11.33
N GLN D 208 31.27 4.12 -11.39
CA GLN D 208 30.80 2.81 -11.84
C GLN D 208 29.93 2.12 -10.79
N LYS D 209 30.14 2.49 -9.53
CA LYS D 209 29.36 1.98 -8.39
C LYS D 209 27.96 2.58 -8.38
N THR D 210 27.89 3.91 -8.43
CA THR D 210 26.63 4.63 -8.23
C THR D 210 25.89 4.93 -9.53
N GLY D 211 26.63 5.05 -10.63
CA GLY D 211 26.06 5.52 -11.88
C GLY D 211 25.81 7.02 -11.85
N TYR D 212 26.35 7.70 -10.84
CA TYR D 212 26.25 9.17 -10.74
C TYR D 212 27.52 9.87 -11.21
N THR D 213 27.34 10.84 -12.11
CA THR D 213 28.43 11.74 -12.51
C THR D 213 28.10 13.13 -11.98
N LEU D 214 29.09 14.01 -11.96
CA LEU D 214 28.88 15.39 -11.53
C LEU D 214 27.75 16.05 -12.32
N GLU D 215 27.56 15.64 -13.56
CA GLU D 215 26.48 16.20 -14.37
C GLU D 215 25.10 15.74 -13.88
N THR D 216 25.04 14.52 -13.34
CA THR D 216 23.81 14.03 -12.70
C THR D 216 23.68 14.62 -11.29
N LEU D 217 24.83 14.88 -10.66
CA LEU D 217 24.88 15.40 -9.31
C LEU D 217 24.83 16.93 -9.23
N LYS D 218 24.87 17.58 -10.40
CA LYS D 218 24.92 19.03 -10.50
C LYS D 218 23.87 19.75 -9.63
N PRO D 219 22.56 19.50 -9.87
CA PRO D 219 21.55 20.25 -9.11
C PRO D 219 21.74 20.15 -7.60
N CYS D 220 22.06 18.96 -7.10
CA CYS D 220 22.31 18.73 -5.67
C CYS D 220 23.55 19.47 -5.15
N LEU D 221 24.65 19.40 -5.89
CA LEU D 221 25.88 20.12 -5.55
C LEU D 221 25.61 21.61 -5.31
N LEU D 222 24.94 22.24 -6.27
CA LEU D 222 24.63 23.67 -6.22
C LEU D 222 23.83 24.01 -4.96
N ASP D 223 22.79 23.22 -4.68
CA ASP D 223 21.99 23.43 -3.49
C ASP D 223 22.83 23.26 -2.23
N LEU D 224 23.66 22.21 -2.19
CA LEU D 224 24.47 21.92 -1.01
C LEU D 224 25.58 22.97 -0.83
N HIS D 225 26.14 23.44 -1.94
CA HIS D 225 27.13 24.51 -1.89
C HIS D 225 26.54 25.76 -1.25
N GLN D 226 25.35 26.15 -1.71
CA GLN D 226 24.57 27.26 -1.14
C GLN D 226 24.47 27.13 0.38
N THR D 227 23.94 26.01 0.81
CA THR D 227 23.75 25.73 2.22
C THR D 227 25.07 25.86 2.98
N TYR D 228 26.12 25.27 2.44
CA TYR D 228 27.46 25.37 3.02
C TYR D 228 27.85 26.83 3.18
N LEU D 229 27.74 27.59 2.10
CA LEU D 229 28.11 29.00 2.10
C LEU D 229 27.34 29.78 3.15
N ARG D 230 26.03 29.52 3.20
CA ARG D 230 25.11 30.26 4.05
C ARG D 230 25.11 29.78 5.50
N ALA D 231 25.68 28.61 5.76
CA ALA D 231 25.58 27.94 7.07
C ALA D 231 25.78 28.83 8.31
N PRO D 232 26.83 29.69 8.34
CA PRO D 232 26.99 30.57 9.51
C PRO D 232 25.82 31.52 9.77
N GLN D 233 25.03 31.85 8.74
CA GLN D 233 23.88 32.76 8.87
C GLN D 233 22.55 32.07 9.15
N HIS D 234 22.52 30.75 8.98
CA HIS D 234 21.30 29.96 9.20
C HIS D 234 20.71 30.17 10.59
N ALA D 235 19.39 30.10 10.70
CA ALA D 235 18.70 30.27 12.00
C ALA D 235 19.12 29.18 12.96
N GLN D 236 19.16 27.96 12.46
CA GLN D 236 19.58 26.78 13.21
C GLN D 236 21.10 26.65 13.16
N GLN D 237 21.69 26.34 14.31
CA GLN D 237 23.14 26.45 14.50
C GLN D 237 23.82 25.26 15.18
N SER D 238 23.04 24.28 15.64
CA SER D 238 23.58 23.18 16.45
C SER D 238 24.54 22.26 15.72
N ILE D 239 24.33 22.07 14.42
CA ILE D 239 25.22 21.23 13.60
C ILE D 239 26.62 21.85 13.47
N ARG D 240 26.69 23.16 13.25
CA ARG D 240 27.96 23.87 13.25
C ARG D 240 28.65 23.80 14.62
N GLU D 241 27.87 23.94 15.69
CA GLU D 241 28.41 23.82 17.05
C GLU D 241 28.98 22.44 17.33
N LYS D 242 28.24 21.42 16.90
CA LYS D 242 28.67 20.02 17.02
C LYS D 242 30.01 19.77 16.32
N TYR D 243 30.16 20.33 15.12
CA TYR D 243 31.31 20.03 14.26
C TYR D 243 32.47 21.03 14.38
N LYS D 244 32.53 21.71 15.52
CA LYS D 244 33.68 22.55 15.87
C LYS D 244 34.66 21.76 16.72
N ASN D 245 34.18 20.62 17.24
CA ASN D 245 34.93 19.82 18.21
C ASN D 245 36.05 18.98 17.60
N SER D 246 37.07 18.72 18.41
CA SER D 246 38.17 17.84 18.03
C SER D 246 37.66 16.46 17.62
N LYS D 247 36.56 16.03 18.24
CA LYS D 247 35.85 14.81 17.85
C LYS D 247 35.70 14.76 16.33
N TYR D 248 35.20 15.86 15.76
CA TYR D 248 34.94 15.96 14.33
C TYR D 248 35.97 16.84 13.63
N HIS D 249 37.13 17.02 14.28
CA HIS D 249 38.28 17.73 13.71
C HIS D 249 38.03 19.21 13.40
N GLY D 250 36.89 19.73 13.83
CA GLY D 250 36.53 21.14 13.64
C GLY D 250 36.25 21.55 12.21
N VAL D 251 35.69 20.64 11.42
CA VAL D 251 35.47 20.84 9.98
C VAL D 251 34.48 21.96 9.66
N SER D 252 33.66 22.34 10.63
CA SER D 252 32.71 23.45 10.46
C SER D 252 33.40 24.81 10.54
N LEU D 253 34.63 24.82 11.06
CA LEU D 253 35.43 26.04 11.16
C LEU D 253 36.20 26.31 9.89
N LEU D 254 36.19 25.34 8.97
CA LEU D 254 36.84 25.49 7.68
C LEU D 254 36.08 26.46 6.80
N ASN D 255 36.78 27.10 5.87
CA ASN D 255 36.17 28.00 4.91
C ASN D 255 35.66 27.27 3.68
N PRO D 256 34.38 27.47 3.33
CA PRO D 256 33.83 26.86 2.12
C PRO D 256 34.49 27.42 0.86
N PRO D 257 34.77 26.54 -0.12
CA PRO D 257 35.35 26.93 -1.40
C PRO D 257 34.44 27.89 -2.15
N GLU D 258 35.02 29.00 -2.63
CA GLU D 258 34.25 30.07 -3.28
C GLU D 258 33.45 29.59 -4.50
N THR D 259 34.06 28.74 -5.32
CA THR D 259 33.36 28.10 -6.44
C THR D 259 33.81 26.66 -6.64
N LEU D 260 33.12 25.97 -7.55
CA LEU D 260 33.33 24.55 -7.77
C LEU D 260 33.89 24.24 -9.17
N ASN D 261 33.43 24.99 -10.16
CA ASN D 261 33.92 24.87 -11.53
C ASN D 261 33.37 23.66 -12.28
N VAL D 262 32.74 23.86 -13.44
CA VAL D 262 32.20 22.72 -14.16
C VAL D 262 31.61 22.91 -15.58
N GLU D 263 31.43 24.15 -16.01
CA GLU D 263 30.71 24.39 -17.28
C GLU D 263 31.48 25.04 -18.42
N HIS D 264 31.08 24.67 -19.63
CA HIS D 264 31.67 25.15 -20.89
C HIS D 264 31.60 26.68 -20.99
O1 NNN E . -24.32 14.90 8.62
C15 NNN E . -23.84 14.11 7.52
C12 NNN E . -22.60 14.76 6.89
C13 NNN E . -22.76 14.89 5.38
C14 NNN E . -21.52 14.32 4.72
N2 NNN E . -22.29 16.05 7.49
C2 NNN E . -21.01 16.31 7.74
N1 NNN E . -20.65 17.53 8.22
C6 NNN E . -19.35 17.81 8.47
N5 NNN E . -18.43 16.87 8.24
N7 NNN E . -17.04 17.00 8.45
C8 NNN E . -16.49 15.81 8.08
C9' NNN E . -17.52 14.98 7.66
C9 NNN E . -17.30 13.60 7.17
C10 NNN E . -17.51 13.52 5.66
C11 NNN E . -18.16 12.56 7.90
C4 NNN E . -18.80 15.70 7.77
N3 NNN E . -20.07 15.37 7.51
N6 NNN E . -18.99 19.01 8.94
CA' NNN E . -19.94 20.11 8.97
C1' NNN E . -20.42 20.28 10.39
C6' NNN E . -19.50 20.31 11.44
C5' NNN E . -19.94 20.45 12.75
C4' NNN E . -21.30 20.56 13.01
C3' NNN E . -22.22 20.53 11.96
C2' NNN E . -21.78 20.38 10.64
C1 SGM F . -4.80 -2.83 -4.29
C2 SGM F . -4.27 -1.45 -3.91
O2 SGM F . -5.00 -0.40 -4.58
C3 SGM F . -2.79 -1.40 -4.26
O3 SGM F . -2.18 -0.22 -3.71
S1 SGM F . -6.39 -2.81 -5.17
C1 SGM G . -24.74 -4.20 -28.94
C2 SGM G . -25.72 -3.32 -28.17
O2 SGM G . -25.27 -1.96 -28.29
C3 SGM G . -25.76 -3.72 -26.69
O3 SGM G . -26.71 -4.77 -26.49
S1 SGM G . -25.29 -5.97 -28.92
O1 NNN H . 10.01 -21.34 21.17
C15 NNN H . 10.52 -20.22 20.45
C12 NNN H . 10.60 -20.48 18.94
C13 NNN H . 12.02 -20.25 18.44
C14 NNN H . 11.98 -19.51 17.11
N2 NNN H . 10.16 -21.80 18.54
C2 NNN H . 9.34 -21.95 17.48
N1 NNN H . 8.96 -23.19 17.10
C6 NNN H . 8.14 -23.37 16.04
N5 NNN H . 7.71 -22.31 15.38
N7 NNN H . 6.85 -22.32 14.27
C8 NNN H . 6.67 -21.03 13.90
C9' NNN H . 7.40 -20.26 14.79
C9 NNN H . 7.47 -18.78 14.72
C10 NNN H . 7.15 -18.11 16.05
C11 NNN H . 8.83 -18.36 14.21
C4 NNN H . 8.08 -21.12 15.77
N3 NNN H . 8.89 -20.87 16.80
N6 NNN H . 7.78 -24.61 15.66
CA' NNN H . 8.47 -25.77 16.16
C1' NNN H . 7.75 -26.27 17.38
C6' NNN H . 6.49 -26.81 17.25
C5' NNN H . 5.81 -27.26 18.37
C4' NNN H . 6.40 -27.15 19.63
C3' NNN H . 7.68 -26.61 19.76
C2' NNN H . 8.35 -26.16 18.62
C1 SGM I . 10.54 -0.04 4.11
C2 SGM I . 9.77 -0.56 2.88
O2 SGM I . 8.97 0.50 2.31
C3 SGM I . 8.87 -1.72 3.30
O3 SGM I . 9.51 -2.99 2.89
S1 SGM I . 10.38 1.73 4.47
#